data_1TG7
#
_entry.id   1TG7
#
_cell.length_a   110.960
_cell.length_b   110.960
_cell.length_c   161.050
_cell.angle_alpha   90.00
_cell.angle_beta   90.00
_cell.angle_gamma   90.00
#
_symmetry.space_group_name_H-M   'P 43'
#
loop_
_entity.id
_entity.type
_entity.pdbx_description
1 polymer beta-galactosidase
2 branched beta-D-mannopyranose-(1-4)-2-acetamido-2-deoxy-beta-D-glucopyranose-(1-4)-2-acetamido-2-deoxy-beta-D-glucopyranose
3 branched alpha-D-mannopyranose-(1-2)-alpha-D-mannopyranose-(1-3)-[alpha-D-mannopyranose-(1-2)-alpha-D-mannopyranose-(1-6)]alpha-D-mannopyranose-(1-6)-[beta-D-mannopyranose-(1-3)]beta-D-mannopyranose-(1-4)-2-acetamido-2-deoxy-beta-D-glucopyranose-(1-4)-2-acetamido-2-deoxy-beta-D-glucopyranose
4 branched 2-acetamido-2-deoxy-beta-D-glucopyranose-(1-4)-2-acetamido-2-deoxy-beta-D-glucopyranose
5 branched alpha-D-mannopyranose-(1-3)-alpha-D-mannopyranose-(1-6)-beta-D-mannopyranose-(1-4)-2-acetamido-2-deoxy-beta-D-glucopyranose-(1-4)-2-acetamido-2-deoxy-beta-D-glucopyranose
6 branched alpha-D-mannopyranose-(1-3)-[alpha-D-mannopyranose-(1-6)]alpha-D-mannopyranose-(1-6)-[alpha-D-mannopyranose-(1-3)]beta-D-mannopyranose-(1-4)-2-acetamido-2-deoxy-beta-D-glucopyranose-(1-4)-2-acetamido-2-deoxy-beta-D-glucopyranose
7 non-polymer 2-acetamido-2-deoxy-beta-D-glucopyranose
8 non-polymer 'SODIUM ION'
9 non-polymer 'PHOSPHATE ION'
10 non-polymer 1,2-ETHANEDIOL
11 water water
#
_entity_poly.entity_id   1
_entity_poly.type   'polypeptide(L)'
_entity_poly.pdbx_seq_one_letter_code
;LLQKYVTWDEHSIFVNGERLMIFSGEVHPYRLPVASLYIDIFEKVKALGFNCVSFYVDWALLEGNPGHYSAEGIFDLQPF
FDAAKEAGIYLLARPGPYINAEVSGGGFPGWLQRVDGILRTSDEAYLKATDNYASNIAATIAKAQITNGGPIILYQPENE
YSGACCGYNGFPDGSYMQYIEDHARDAGIVVPFISNDAWAAGHNAPGTGAGAVDIYGHDSYPLGFDCANPSTWPSGNLPT
YFHTSHEQQSPSTPYSLVEFQGGAFDPWGGVGFAKCAALLNHEFERVFYKNDFSFGVAFLNLYMIFGGTNWGNLGHPGGY
TSYDYGSAISESRNITREKYSELKLLGNFAKVSPGYLVANPGDLSTSTYTNTADLTVTPLLGSNSSASSFFVIRHSDYSS
QASVEYKLTVPTSAGNLTIPQLGGSLTLSGRDSKIHVTDYDVAGTNILYSTAEVFTWKKFNNEKVLVLYGGPGEHHEFAV
SGASSSSVVEGSSSGISSKKVGKALVVAWDVSTARRIVQVGSLKVFLLDRNSAYNYWVPQVPTKGTAPGYSNQETTASSI
IVKAGYLVRSAYLDGNDLHIQADFNATTPIEVVGAPSGAKNLVINGKKTQTKVDKNGIWSASVAYTAPKVQLPSLKSLKW
KSVDTLPEAKNTYDDSAWTSADHAYTNNSAHSLQTPTSLFASDYGYHTGALLFRGHFTANGKEKTFFVQTKGGTAYGHSI
WINETYVGSWAGTSINDNNNATYTLPTLQSGKNYVITVVIDNMGLDEDWTIGSEDMKNPRGIIQYSLSGQEASAISWKLT
GNLGGENYRDTVRGPLNEGGLYAERQGFHQPQPPTQKWDSSSPFTGLTKPGIRFYSTSFDLDLPSGYDIPLYFNFGNSTS
TPAAYRVQLYVNGYQYGKYVNNIGPQTSFPVPEGILNYHGTNWLALSLWAQEDNGAKLDSFELINTTPVLTSLGEVKSVN
QPKYQARKGAY
;
_entity_poly.pdbx_strand_id   A
#
loop_
_chem_comp.id
_chem_comp.type
_chem_comp.name
_chem_comp.formula
BMA D-saccharide, beta linking beta-D-mannopyranose 'C6 H12 O6'
EDO non-polymer 1,2-ETHANEDIOL 'C2 H6 O2'
MAN D-saccharide, alpha linking alpha-D-mannopyranose 'C6 H12 O6'
NA non-polymer 'SODIUM ION' 'Na 1'
NAG D-saccharide, beta linking 2-acetamido-2-deoxy-beta-D-glucopyranose 'C8 H15 N O6'
PO4 non-polymer 'PHOSPHATE ION' 'O4 P -3'
#
# COMPACT_ATOMS: atom_id res chain seq x y z
N LEU A 1 8.49 -29.93 2.95
CA LEU A 1 9.93 -30.34 3.03
C LEU A 1 10.44 -30.24 4.48
N LEU A 2 10.51 -29.01 4.99
CA LEU A 2 11.01 -28.78 6.34
C LEU A 2 9.88 -28.73 7.36
N GLN A 3 8.64 -28.73 6.88
CA GLN A 3 7.47 -28.67 7.75
C GLN A 3 6.22 -29.11 6.98
N LYS A 4 5.16 -29.43 7.72
CA LYS A 4 3.92 -29.88 7.09
C LYS A 4 2.74 -28.92 7.22
N TYR A 5 2.96 -27.75 7.79
CA TYR A 5 1.89 -26.78 7.95
C TYR A 5 1.50 -26.11 6.63
N VAL A 6 2.49 -25.87 5.78
CA VAL A 6 2.25 -25.25 4.48
C VAL A 6 2.86 -26.13 3.40
N THR A 7 2.00 -26.73 2.58
CA THR A 7 2.44 -27.60 1.51
C THR A 7 1.76 -27.20 0.21
N TRP A 8 1.98 -27.96 -0.86
CA TRP A 8 1.37 -27.62 -2.15
C TRP A 8 1.45 -28.73 -3.18
N ASP A 9 0.68 -28.57 -4.25
CA ASP A 9 0.71 -29.47 -5.38
C ASP A 9 0.46 -28.56 -6.56
N GLU A 10 0.22 -29.12 -7.74
CA GLU A 10 0.02 -28.29 -8.92
C GLU A 10 -1.18 -27.36 -8.87
N HIS A 11 -2.19 -27.71 -8.08
CA HIS A 11 -3.40 -26.91 -8.01
C HIS A 11 -3.45 -25.79 -6.97
N SER A 12 -2.91 -26.04 -5.78
CA SER A 12 -2.95 -25.01 -4.76
C SER A 12 -2.04 -25.27 -3.58
N ILE A 13 -2.00 -24.29 -2.69
CA ILE A 13 -1.23 -24.39 -1.47
C ILE A 13 -2.17 -25.04 -0.46
N PHE A 14 -1.61 -25.78 0.48
CA PHE A 14 -2.40 -26.41 1.53
C PHE A 14 -1.90 -25.82 2.84
N VAL A 15 -2.83 -25.45 3.72
CA VAL A 15 -2.47 -24.92 5.03
C VAL A 15 -3.11 -25.89 6.01
N ASN A 16 -2.29 -26.50 6.87
CA ASN A 16 -2.78 -27.48 7.84
C ASN A 16 -3.41 -28.66 7.12
N GLY A 17 -2.85 -29.01 5.96
CA GLY A 17 -3.36 -30.13 5.19
C GLY A 17 -4.66 -29.91 4.45
N GLU A 18 -5.08 -28.65 4.37
CA GLU A 18 -6.34 -28.32 3.71
C GLU A 18 -6.09 -27.29 2.61
N ARG A 19 -6.63 -27.52 1.42
CA ARG A 19 -6.44 -26.57 0.33
C ARG A 19 -6.99 -25.20 0.73
N LEU A 20 -6.28 -24.16 0.33
CA LEU A 20 -6.70 -22.80 0.63
C LEU A 20 -6.34 -21.89 -0.54
N MET A 21 -7.33 -21.20 -1.08
CA MET A 21 -7.09 -20.27 -2.18
C MET A 21 -6.60 -19.03 -1.44
N ILE A 22 -5.32 -18.69 -1.63
CA ILE A 22 -4.74 -17.53 -0.97
C ILE A 22 -4.70 -16.28 -1.84
N PHE A 23 -5.59 -15.43 -1.28
CA PHE A 23 -6.00 -14.06 -1.76
C PHE A 23 -5.48 -13.11 -0.71
N SER A 24 -4.45 -12.37 -1.09
CA SER A 24 -3.76 -11.50 -0.17
C SER A 24 -3.76 -10.02 -0.56
N GLY A 25 -3.39 -9.17 0.40
CA GLY A 25 -3.33 -7.73 0.15
C GLY A 25 -2.01 -7.23 0.71
N GLU A 26 -1.35 -6.34 0.00
CA GLU A 26 -0.06 -5.80 0.44
C GLU A 26 -0.22 -4.67 1.44
N VAL A 27 0.46 -4.77 2.58
CA VAL A 27 0.44 -3.77 3.64
C VAL A 27 1.85 -3.61 4.18
N HIS A 28 2.32 -2.37 4.31
CA HIS A 28 3.67 -2.09 4.80
C HIS A 28 3.61 -1.49 6.20
N PRO A 29 4.01 -2.25 7.22
CA PRO A 29 3.98 -1.78 8.61
C PRO A 29 4.63 -0.43 8.87
N TYR A 30 5.75 -0.16 8.20
CA TYR A 30 6.46 1.10 8.40
C TYR A 30 5.77 2.32 7.80
N ARG A 31 4.73 2.09 6.98
CA ARG A 31 4.00 3.19 6.38
C ARG A 31 2.78 3.62 7.19
N LEU A 32 2.60 2.97 8.34
CA LEU A 32 1.52 3.27 9.29
C LEU A 32 2.16 3.00 10.65
N PRO A 33 2.97 3.95 11.14
CA PRO A 33 3.67 3.84 12.42
C PRO A 33 2.81 3.98 13.68
N VAL A 34 1.60 3.44 13.64
CA VAL A 34 0.68 3.49 14.77
C VAL A 34 0.18 2.07 15.03
N ALA A 35 0.80 1.41 16.00
CA ALA A 35 0.48 0.03 16.35
C ALA A 35 -1.01 -0.27 16.53
N SER A 36 -1.72 0.64 17.20
CA SER A 36 -3.15 0.48 17.45
C SER A 36 -4.01 0.40 16.20
N LEU A 37 -3.50 0.88 15.08
CA LEU A 37 -4.26 0.88 13.84
C LEU A 37 -4.05 -0.32 12.94
N TYR A 38 -3.07 -1.17 13.25
CA TYR A 38 -2.83 -2.34 12.42
C TYR A 38 -4.07 -3.23 12.39
N ILE A 39 -4.71 -3.41 13.54
CA ILE A 39 -5.89 -4.27 13.59
C ILE A 39 -6.98 -3.74 12.65
N ASP A 40 -7.06 -2.43 12.48
CA ASP A 40 -8.06 -1.85 11.59
C ASP A 40 -7.83 -2.30 10.16
N ILE A 41 -6.58 -2.21 9.71
CA ILE A 41 -6.24 -2.62 8.35
C ILE A 41 -6.54 -4.10 8.14
N PHE A 42 -6.10 -4.94 9.08
CA PHE A 42 -6.33 -6.38 8.97
C PHE A 42 -7.82 -6.75 8.95
N GLU A 43 -8.62 -6.09 9.77
CA GLU A 43 -10.05 -6.40 9.80
C GLU A 43 -10.70 -5.96 8.48
N LYS A 44 -10.22 -4.87 7.91
CA LYS A 44 -10.77 -4.39 6.64
C LYS A 44 -10.37 -5.32 5.50
N VAL A 45 -9.22 -5.96 5.63
CA VAL A 45 -8.76 -6.90 4.61
C VAL A 45 -9.54 -8.21 4.77
N LYS A 46 -9.71 -8.66 6.02
CA LYS A 46 -10.44 -9.89 6.30
C LYS A 46 -11.89 -9.75 5.82
N ALA A 47 -12.44 -8.54 5.91
CA ALA A 47 -13.82 -8.28 5.51
C ALA A 47 -14.03 -8.37 4.00
N LEU A 48 -12.94 -8.37 3.24
CA LEU A 48 -13.01 -8.50 1.78
C LEU A 48 -13.14 -9.96 1.40
N GLY A 49 -12.95 -10.84 2.38
CA GLY A 49 -13.00 -12.27 2.14
C GLY A 49 -11.58 -12.81 2.02
N PHE A 50 -10.60 -11.92 2.16
CA PHE A 50 -9.18 -12.28 2.06
C PHE A 50 -8.72 -13.07 3.29
N ASN A 51 -7.60 -13.76 3.16
CA ASN A 51 -7.07 -14.57 4.25
C ASN A 51 -5.58 -14.38 4.46
N CYS A 52 -4.99 -13.41 3.76
CA CYS A 52 -3.55 -13.20 3.86
C CYS A 52 -3.17 -11.77 3.57
N VAL A 53 -1.99 -11.38 4.07
CA VAL A 53 -1.43 -10.05 3.84
C VAL A 53 0.05 -10.25 3.57
N SER A 54 0.57 -9.49 2.60
CA SER A 54 1.98 -9.53 2.22
C SER A 54 2.63 -8.24 2.69
N PHE A 55 3.82 -8.34 3.27
CA PHE A 55 4.49 -7.14 3.77
C PHE A 55 6.01 -7.09 3.55
N TYR A 56 6.51 -5.88 3.37
CA TYR A 56 7.95 -5.66 3.21
C TYR A 56 8.45 -5.20 4.57
N VAL A 57 9.76 -5.27 4.75
CA VAL A 57 10.43 -4.77 5.95
C VAL A 57 11.45 -3.83 5.32
N ASP A 58 11.53 -2.60 5.82
CA ASP A 58 12.46 -1.60 5.27
C ASP A 58 13.75 -1.53 6.08
N TRP A 59 14.80 -2.12 5.52
CA TRP A 59 16.13 -2.15 6.14
C TRP A 59 16.66 -0.76 6.50
N ALA A 60 16.45 0.21 5.63
CA ALA A 60 16.94 1.58 5.87
C ALA A 60 16.43 2.16 7.20
N LEU A 61 15.28 1.67 7.67
CA LEU A 61 14.72 2.17 8.93
C LEU A 61 15.19 1.39 10.15
N LEU A 62 15.65 0.16 9.93
CA LEU A 62 16.08 -0.70 11.04
C LEU A 62 17.57 -0.76 11.31
N GLU A 63 18.39 -0.35 10.35
CA GLU A 63 19.84 -0.35 10.60
C GLU A 63 20.45 0.92 10.04
N GLY A 64 19.88 2.06 10.43
CA GLY A 64 20.37 3.36 9.99
C GLY A 64 21.82 3.56 10.39
N ASN A 65 22.20 2.97 11.54
CA ASN A 65 23.58 3.04 12.02
C ASN A 65 24.14 1.66 11.75
N PRO A 66 25.09 1.55 10.81
CA PRO A 66 25.68 0.24 10.49
C PRO A 66 26.20 -0.52 11.69
N GLY A 67 25.74 -1.76 11.86
CA GLY A 67 26.18 -2.57 12.97
C GLY A 67 25.15 -2.64 14.09
N HIS A 68 24.14 -1.78 14.04
CA HIS A 68 23.13 -1.80 15.09
C HIS A 68 21.71 -1.92 14.57
N TYR A 69 21.20 -3.15 14.58
CA TYR A 69 19.84 -3.42 14.14
C TYR A 69 18.91 -2.98 15.27
N SER A 70 17.88 -2.22 14.92
CA SER A 70 16.93 -1.74 15.91
C SER A 70 15.52 -1.72 15.36
N ALA A 71 14.65 -2.54 15.95
CA ALA A 71 13.25 -2.61 15.52
C ALA A 71 12.39 -2.60 16.79
N GLU A 72 12.38 -1.46 17.46
CA GLU A 72 11.64 -1.26 18.70
C GLU A 72 10.62 -0.14 18.54
N GLY A 73 9.71 -0.03 19.50
CA GLY A 73 8.71 1.02 19.44
C GLY A 73 7.89 1.01 18.17
N ILE A 74 7.86 2.13 17.47
CA ILE A 74 7.07 2.22 16.23
C ILE A 74 7.64 1.32 15.13
N PHE A 75 8.85 0.81 15.34
CA PHE A 75 9.47 -0.07 14.34
C PHE A 75 9.36 -1.54 14.74
N ASP A 76 8.73 -1.79 15.88
CA ASP A 76 8.51 -3.15 16.39
C ASP A 76 7.51 -3.84 15.48
N LEU A 77 7.85 -5.03 15.00
CA LEU A 77 6.95 -5.78 14.12
C LEU A 77 5.96 -6.68 14.87
N GLN A 78 6.23 -6.95 16.14
CA GLN A 78 5.36 -7.81 16.92
C GLN A 78 3.88 -7.37 16.91
N PRO A 79 3.60 -6.06 17.11
CA PRO A 79 2.20 -5.62 17.10
C PRO A 79 1.53 -5.87 15.74
N PHE A 80 2.32 -5.87 14.68
CA PHE A 80 1.81 -6.11 13.34
C PHE A 80 1.46 -7.60 13.22
N PHE A 81 2.36 -8.45 13.72
CA PHE A 81 2.14 -9.89 13.68
C PHE A 81 0.94 -10.26 14.56
N ASP A 82 0.84 -9.63 15.72
CA ASP A 82 -0.25 -9.91 16.64
C ASP A 82 -1.61 -9.50 16.07
N ALA A 83 -1.65 -8.38 15.37
CA ALA A 83 -2.91 -7.91 14.77
C ALA A 83 -3.35 -8.87 13.68
N ALA A 84 -2.40 -9.37 12.89
CA ALA A 84 -2.71 -10.31 11.82
C ALA A 84 -3.35 -11.57 12.41
N LYS A 85 -2.74 -12.09 13.46
CA LYS A 85 -3.24 -13.28 14.13
C LYS A 85 -4.62 -13.03 14.73
N GLU A 86 -4.78 -11.88 15.37
CA GLU A 86 -6.06 -11.52 15.99
C GLU A 86 -7.17 -11.43 14.95
N ALA A 87 -6.87 -10.84 13.80
CA ALA A 87 -7.85 -10.68 12.73
C ALA A 87 -8.06 -11.95 11.90
N GLY A 88 -7.22 -12.96 12.12
CA GLY A 88 -7.34 -14.20 11.37
C GLY A 88 -6.78 -14.09 9.97
N ILE A 89 -5.64 -13.41 9.85
CA ILE A 89 -4.99 -13.18 8.56
C ILE A 89 -3.56 -13.76 8.56
N TYR A 90 -3.24 -14.58 7.56
CA TYR A 90 -1.91 -15.15 7.45
C TYR A 90 -0.98 -14.09 6.84
N LEU A 91 0.32 -14.34 6.88
CA LEU A 91 1.27 -13.37 6.33
C LEU A 91 2.35 -13.95 5.42
N LEU A 92 2.69 -13.18 4.40
CA LEU A 92 3.78 -13.52 3.49
C LEU A 92 4.81 -12.46 3.86
N ALA A 93 5.96 -12.90 4.38
CA ALA A 93 7.01 -11.98 4.79
C ALA A 93 7.99 -11.74 3.64
N ARG A 94 8.28 -10.47 3.36
CA ARG A 94 9.18 -10.10 2.28
C ARG A 94 10.18 -9.08 2.82
N PRO A 95 11.21 -9.55 3.56
CA PRO A 95 12.24 -8.71 4.14
C PRO A 95 13.36 -8.18 3.25
N GLY A 96 13.34 -8.56 1.97
CA GLY A 96 14.38 -8.09 1.06
C GLY A 96 15.59 -9.01 1.06
N PRO A 97 16.79 -8.53 1.43
CA PRO A 97 17.13 -7.18 1.89
C PRO A 97 16.68 -6.03 0.98
N TYR A 98 16.66 -6.28 -0.32
CA TYR A 98 16.21 -5.25 -1.26
C TYR A 98 14.72 -5.42 -1.49
N ILE A 99 13.95 -4.34 -1.32
CA ILE A 99 12.50 -4.41 -1.50
C ILE A 99 11.94 -3.48 -2.58
N ASN A 100 12.74 -2.50 -3.01
CA ASN A 100 12.31 -1.52 -4.03
C ASN A 100 11.19 -0.74 -3.32
N ALA A 101 9.94 -1.11 -3.56
CA ALA A 101 8.78 -0.50 -2.88
C ALA A 101 8.60 1.01 -2.89
N GLU A 102 9.30 1.70 -3.78
CA GLU A 102 9.22 3.15 -3.85
C GLU A 102 9.65 3.79 -2.52
N VAL A 103 10.58 3.13 -1.81
CA VAL A 103 11.08 3.70 -0.56
C VAL A 103 12.53 4.13 -0.82
N SER A 104 13.05 4.99 0.04
CA SER A 104 14.42 5.47 -0.10
C SER A 104 15.40 4.30 -0.23
N GLY A 105 16.28 4.37 -1.23
CA GLY A 105 17.27 3.33 -1.44
C GLY A 105 16.70 1.99 -1.85
N GLY A 106 15.39 1.92 -2.06
CA GLY A 106 14.77 0.66 -2.42
C GLY A 106 14.90 -0.26 -1.21
N GLY A 107 15.15 0.35 -0.05
CA GLY A 107 15.30 -0.40 1.18
C GLY A 107 16.71 -0.32 1.73
N PHE A 108 17.68 -0.06 0.86
CA PHE A 108 19.08 0.03 1.27
C PHE A 108 19.40 1.28 2.10
N PRO A 109 20.06 1.09 3.26
CA PRO A 109 20.40 2.25 4.08
C PRO A 109 21.42 3.06 3.27
N GLY A 110 21.50 4.36 3.53
CA GLY A 110 22.43 5.21 2.79
C GLY A 110 23.89 4.82 2.87
N TRP A 111 24.30 4.14 3.94
CA TRP A 111 25.70 3.75 4.04
C TRP A 111 26.09 2.69 3.01
N LEU A 112 25.10 2.16 2.29
CA LEU A 112 25.42 1.19 1.24
C LEU A 112 26.15 1.94 0.13
N GLN A 113 26.09 3.27 0.14
CA GLN A 113 26.80 4.05 -0.88
C GLN A 113 28.31 3.98 -0.63
N ARG A 114 28.71 3.47 0.53
CA ARG A 114 30.13 3.35 0.88
C ARG A 114 30.63 1.91 0.74
N VAL A 115 29.75 1.01 0.29
CA VAL A 115 30.13 -0.40 0.15
C VAL A 115 30.78 -0.67 -1.20
N ASP A 116 32.00 -1.21 -1.16
CA ASP A 116 32.76 -1.49 -2.36
C ASP A 116 32.37 -2.80 -3.04
N GLY A 117 31.16 -2.82 -3.58
CA GLY A 117 30.66 -4.00 -4.26
C GLY A 117 29.36 -3.63 -4.94
N ILE A 118 29.08 -4.28 -6.06
CA ILE A 118 27.85 -4.00 -6.80
C ILE A 118 26.67 -4.55 -5.99
N LEU A 119 25.66 -3.70 -5.79
CA LEU A 119 24.49 -4.09 -4.99
C LEU A 119 23.70 -5.23 -5.63
N ARG A 120 23.17 -6.11 -4.80
CA ARG A 120 22.37 -7.24 -5.25
C ARG A 120 23.15 -8.24 -6.10
N THR A 121 24.41 -8.46 -5.75
CA THR A 121 25.27 -9.41 -6.45
C THR A 121 26.05 -10.19 -5.40
N SER A 122 26.84 -11.16 -5.85
CA SER A 122 27.65 -11.96 -4.93
C SER A 122 28.94 -11.26 -4.53
N ASP A 123 29.11 -10.00 -4.92
CA ASP A 123 30.31 -9.27 -4.53
C ASP A 123 30.40 -9.35 -3.01
N GLU A 124 31.55 -9.79 -2.51
CA GLU A 124 31.76 -9.99 -1.08
C GLU A 124 31.36 -8.85 -0.17
N ALA A 125 31.75 -7.62 -0.49
CA ALA A 125 31.42 -6.49 0.35
C ALA A 125 29.91 -6.28 0.46
N TYR A 126 29.19 -6.53 -0.62
CA TYR A 126 27.73 -6.37 -0.57
C TYR A 126 27.09 -7.43 0.32
N LEU A 127 27.44 -8.70 0.08
CA LEU A 127 26.87 -9.78 0.88
C LEU A 127 27.11 -9.58 2.37
N LYS A 128 28.34 -9.21 2.73
CA LYS A 128 28.67 -9.00 4.14
C LYS A 128 27.87 -7.85 4.74
N ALA A 129 27.62 -6.81 3.94
CA ALA A 129 26.88 -5.65 4.41
C ALA A 129 25.43 -6.01 4.79
N THR A 130 24.91 -7.07 4.20
CA THR A 130 23.53 -7.48 4.47
C THR A 130 23.36 -8.47 5.62
N ASP A 131 24.46 -9.10 6.03
CA ASP A 131 24.40 -10.12 7.08
C ASP A 131 23.74 -9.74 8.42
N ASN A 132 24.08 -8.58 8.97
CA ASN A 132 23.49 -8.20 10.25
C ASN A 132 21.97 -8.05 10.17
N TYR A 133 21.52 -7.31 9.16
CA TYR A 133 20.08 -7.11 8.97
C TYR A 133 19.38 -8.43 8.69
N ALA A 134 19.89 -9.18 7.73
CA ALA A 134 19.30 -10.46 7.33
C ALA A 134 19.14 -11.46 8.48
N SER A 135 20.16 -11.58 9.33
CA SER A 135 20.07 -12.53 10.43
C SER A 135 19.06 -12.07 11.48
N ASN A 136 19.02 -10.77 11.74
CA ASN A 136 18.09 -10.22 12.72
C ASN A 136 16.63 -10.27 12.28
N ILE A 137 16.35 -9.84 11.06
CA ILE A 137 14.97 -9.84 10.59
C ILE A 137 14.44 -11.27 10.40
N ALA A 138 15.28 -12.17 9.89
CA ALA A 138 14.86 -13.55 9.69
C ALA A 138 14.52 -14.22 11.02
N ALA A 139 15.31 -13.92 12.06
CA ALA A 139 15.08 -14.49 13.38
C ALA A 139 13.73 -14.01 13.93
N THR A 140 13.43 -12.74 13.70
CA THR A 140 12.17 -12.17 14.16
C THR A 140 10.99 -12.83 13.43
N ILE A 141 11.14 -12.98 12.12
CA ILE A 141 10.10 -13.60 11.30
C ILE A 141 9.95 -15.07 11.67
N ALA A 142 11.06 -15.74 11.94
CA ALA A 142 11.05 -17.15 12.30
C ALA A 142 10.14 -17.45 13.50
N LYS A 143 10.17 -16.56 14.51
CA LYS A 143 9.36 -16.74 15.70
C LYS A 143 7.85 -16.63 15.43
N ALA A 144 7.50 -15.88 14.38
CA ALA A 144 6.10 -15.68 14.04
C ALA A 144 5.57 -16.63 12.97
N GLN A 145 6.36 -17.65 12.61
CA GLN A 145 5.91 -18.61 11.61
C GLN A 145 4.77 -19.46 12.14
N ILE A 146 3.95 -19.96 11.22
CA ILE A 146 2.82 -20.81 11.56
C ILE A 146 3.31 -22.06 12.30
N THR A 147 4.55 -22.47 12.01
CA THR A 147 5.13 -23.64 12.66
C THR A 147 5.35 -23.37 14.16
N ASN A 148 5.33 -22.10 14.53
CA ASN A 148 5.51 -21.72 15.93
C ASN A 148 4.25 -21.07 16.47
N GLY A 149 3.12 -21.32 15.80
CA GLY A 149 1.86 -20.77 16.25
C GLY A 149 1.60 -19.35 15.78
N GLY A 150 2.38 -18.89 14.81
CA GLY A 150 2.22 -17.54 14.30
C GLY A 150 1.46 -17.47 12.99
N PRO A 151 1.29 -16.28 12.42
CA PRO A 151 0.57 -16.10 11.15
C PRO A 151 1.38 -16.23 9.87
N ILE A 152 2.70 -16.19 9.97
CA ILE A 152 3.55 -16.25 8.78
C ILE A 152 3.63 -17.63 8.14
N ILE A 153 3.18 -17.70 6.89
CA ILE A 153 3.14 -18.95 6.14
C ILE A 153 4.08 -19.03 4.94
N LEU A 154 4.58 -17.89 4.47
CA LEU A 154 5.46 -17.87 3.31
C LEU A 154 6.56 -16.81 3.47
N TYR A 155 7.66 -17.00 2.75
CA TYR A 155 8.80 -16.10 2.85
C TYR A 155 9.36 -15.81 1.46
N GLN A 156 9.57 -14.54 1.16
CA GLN A 156 10.12 -14.16 -0.14
C GLN A 156 11.57 -13.71 -0.05
N PRO A 157 12.47 -14.36 -0.80
CA PRO A 157 13.88 -13.96 -0.79
C PRO A 157 14.08 -12.94 -1.91
N GLU A 158 14.80 -11.86 -1.61
CA GLU A 158 15.05 -10.82 -2.60
C GLU A 158 13.73 -10.17 -3.05
N ASN A 159 13.76 -9.53 -4.21
CA ASN A 159 12.56 -8.88 -4.75
C ASN A 159 12.72 -8.62 -6.24
N GLU A 160 11.85 -9.21 -7.04
CA GLU A 160 11.90 -9.06 -8.49
C GLU A 160 13.34 -9.20 -9.01
N TYR A 161 13.98 -10.29 -8.61
CA TYR A 161 15.35 -10.60 -9.04
C TYR A 161 15.13 -11.05 -10.48
N SER A 162 15.05 -10.08 -11.39
CA SER A 162 14.72 -10.40 -12.77
C SER A 162 15.51 -9.77 -13.92
N GLY A 163 16.47 -8.91 -13.61
CA GLY A 163 17.22 -8.29 -14.71
C GLY A 163 18.43 -7.48 -14.30
N ALA A 164 19.37 -7.35 -15.23
CA ALA A 164 20.60 -6.61 -14.97
C ALA A 164 20.96 -5.70 -16.15
N CYS A 165 22.04 -4.94 -15.99
CA CYS A 165 22.49 -4.01 -17.03
C CYS A 165 23.81 -3.43 -16.64
N CYS A 166 24.26 -2.52 -17.51
CA CYS A 166 25.39 -1.69 -17.23
C CYS A 166 26.75 -2.27 -16.84
N GLY A 167 27.11 -3.43 -17.36
CA GLY A 167 28.40 -3.98 -17.01
C GLY A 167 28.37 -5.16 -16.06
N TYR A 168 27.24 -5.37 -15.39
CA TYR A 168 27.11 -6.51 -14.50
C TYR A 168 26.49 -7.63 -15.30
N ASN A 169 27.24 -8.72 -15.48
CA ASN A 169 26.78 -9.84 -16.29
C ASN A 169 26.62 -11.16 -15.54
N GLY A 170 26.51 -11.08 -14.22
CA GLY A 170 26.36 -12.30 -13.43
C GLY A 170 24.93 -12.77 -13.22
N PHE A 171 23.97 -12.01 -13.73
CA PHE A 171 22.56 -12.38 -13.57
C PHE A 171 22.06 -13.37 -14.62
N PRO A 172 21.30 -14.39 -14.19
CA PRO A 172 20.92 -14.68 -12.81
C PRO A 172 22.02 -15.47 -12.10
N ASP A 173 22.33 -15.09 -10.88
CA ASP A 173 23.37 -15.75 -10.09
C ASP A 173 22.75 -16.73 -9.11
N GLY A 174 22.78 -18.01 -9.46
CA GLY A 174 22.20 -19.03 -8.59
C GLY A 174 22.71 -19.01 -7.17
N SER A 175 24.02 -18.84 -7.01
CA SER A 175 24.62 -18.81 -5.68
C SER A 175 24.20 -17.60 -4.86
N TYR A 176 23.84 -16.51 -5.54
CA TYR A 176 23.41 -15.30 -4.85
C TYR A 176 22.07 -15.56 -4.16
N MET A 177 21.11 -16.07 -4.90
CA MET A 177 19.80 -16.37 -4.32
C MET A 177 19.91 -17.49 -3.29
N GLN A 178 20.76 -18.46 -3.56
CA GLN A 178 20.95 -19.58 -2.63
C GLN A 178 21.53 -19.04 -1.32
N TYR A 179 22.37 -18.02 -1.41
CA TYR A 179 22.97 -17.42 -0.22
C TYR A 179 21.90 -16.79 0.67
N ILE A 180 20.97 -16.07 0.05
CA ILE A 180 19.90 -15.43 0.79
C ILE A 180 19.00 -16.50 1.42
N GLU A 181 18.68 -17.51 0.62
CA GLU A 181 17.84 -18.61 1.08
C GLU A 181 18.50 -19.38 2.22
N ASP A 182 19.78 -19.75 2.05
CA ASP A 182 20.49 -20.48 3.08
C ASP A 182 20.57 -19.69 4.39
N HIS A 183 20.82 -18.39 4.28
CA HIS A 183 20.91 -17.57 5.47
C HIS A 183 19.60 -17.48 6.22
N ALA A 184 18.49 -17.39 5.49
CA ALA A 184 17.17 -17.32 6.14
C ALA A 184 16.88 -18.65 6.84
N ARG A 185 17.15 -19.75 6.15
CA ARG A 185 16.92 -21.07 6.71
C ARG A 185 17.79 -21.27 7.96
N ASP A 186 19.04 -20.80 7.91
CA ASP A 186 19.93 -20.94 9.06
C ASP A 186 19.44 -20.10 10.23
N ALA A 187 18.63 -19.09 9.94
CA ALA A 187 18.09 -18.22 10.98
C ALA A 187 16.79 -18.79 11.54
N GLY A 188 16.36 -19.95 11.03
CA GLY A 188 15.14 -20.56 11.53
C GLY A 188 13.95 -20.59 10.59
N ILE A 189 14.08 -20.00 9.40
CA ILE A 189 12.96 -20.00 8.46
C ILE A 189 12.76 -21.38 7.87
N VAL A 190 11.58 -21.95 8.09
CA VAL A 190 11.26 -23.28 7.57
C VAL A 190 10.10 -23.27 6.59
N VAL A 191 9.34 -22.18 6.54
CA VAL A 191 8.21 -22.11 5.63
C VAL A 191 8.72 -22.02 4.19
N PRO A 192 7.86 -22.29 3.20
CA PRO A 192 8.27 -22.23 1.80
C PRO A 192 8.72 -20.87 1.28
N PHE A 193 9.68 -20.89 0.37
CA PHE A 193 10.17 -19.68 -0.27
C PHE A 193 9.34 -19.47 -1.53
N ILE A 194 8.85 -18.26 -1.73
CA ILE A 194 8.07 -17.94 -2.92
C ILE A 194 8.76 -16.74 -3.56
N SER A 195 8.88 -16.75 -4.88
CA SER A 195 9.54 -15.65 -5.59
C SER A 195 8.53 -14.69 -6.21
N ASN A 196 9.04 -13.58 -6.74
CA ASN A 196 8.17 -12.60 -7.38
C ASN A 196 8.85 -11.95 -8.59
N ASP A 197 9.08 -12.78 -9.61
CA ASP A 197 9.70 -12.37 -10.87
C ASP A 197 8.97 -11.14 -11.41
N ALA A 198 9.71 -10.16 -11.92
CA ALA A 198 9.11 -8.94 -12.45
C ALA A 198 8.11 -9.28 -13.56
N TRP A 199 8.40 -10.32 -14.33
CA TRP A 199 7.52 -10.77 -15.39
C TRP A 199 7.66 -12.29 -15.44
N ALA A 200 6.81 -12.96 -16.21
CA ALA A 200 6.87 -14.42 -16.29
C ALA A 200 8.07 -14.89 -17.12
N ALA A 201 9.24 -14.90 -16.49
CA ALA A 201 10.48 -15.32 -17.14
C ALA A 201 11.01 -16.64 -16.60
N GLY A 202 10.41 -17.15 -15.53
CA GLY A 202 10.84 -18.41 -14.95
C GLY A 202 12.12 -18.39 -14.13
N HIS A 203 12.55 -17.20 -13.70
CA HIS A 203 13.77 -17.10 -12.89
C HIS A 203 13.59 -17.80 -11.55
N ASN A 204 14.60 -18.58 -11.16
CA ASN A 204 14.61 -19.30 -9.89
C ASN A 204 13.46 -20.29 -9.71
N ALA A 205 12.87 -20.73 -10.82
CA ALA A 205 11.77 -21.68 -10.73
C ALA A 205 12.31 -23.03 -10.28
N PRO A 206 11.46 -23.88 -9.69
CA PRO A 206 11.93 -25.20 -9.24
C PRO A 206 12.61 -25.90 -10.40
N GLY A 207 13.73 -26.57 -10.12
CA GLY A 207 14.45 -27.27 -11.16
C GLY A 207 15.57 -26.48 -11.82
N THR A 208 15.73 -25.21 -11.43
CA THR A 208 16.78 -24.36 -12.01
C THR A 208 18.10 -24.44 -11.26
N GLY A 209 18.19 -25.33 -10.27
CA GLY A 209 19.42 -25.48 -9.51
C GLY A 209 19.57 -24.55 -8.32
N ALA A 210 20.81 -24.16 -8.02
CA ALA A 210 21.07 -23.27 -6.90
C ALA A 210 20.21 -22.02 -6.99
N GLY A 211 19.64 -21.60 -5.86
CA GLY A 211 18.81 -20.40 -5.85
C GLY A 211 17.33 -20.62 -6.11
N ALA A 212 16.97 -21.82 -6.56
CA ALA A 212 15.57 -22.12 -6.84
C ALA A 212 14.70 -21.97 -5.61
N VAL A 213 13.52 -21.40 -5.78
CA VAL A 213 12.59 -21.24 -4.67
C VAL A 213 11.64 -22.44 -4.66
N ASP A 214 10.79 -22.53 -3.65
CA ASP A 214 9.85 -23.65 -3.54
C ASP A 214 8.64 -23.45 -4.46
N ILE A 215 8.14 -22.21 -4.50
CA ILE A 215 7.00 -21.88 -5.34
C ILE A 215 7.35 -20.69 -6.22
N TYR A 216 7.32 -20.87 -7.54
CA TYR A 216 7.64 -19.80 -8.46
C TYR A 216 6.49 -18.80 -8.55
N GLY A 217 6.80 -17.53 -8.40
CA GLY A 217 5.79 -16.50 -8.50
C GLY A 217 6.27 -15.36 -9.37
N HIS A 218 5.34 -14.59 -9.91
CA HIS A 218 5.72 -13.43 -10.73
C HIS A 218 4.73 -12.31 -10.52
N ASP A 219 5.06 -11.12 -11.01
CA ASP A 219 4.21 -9.95 -10.83
C ASP A 219 3.63 -9.44 -12.14
N SER A 220 2.70 -8.50 -12.02
CA SER A 220 2.07 -7.91 -13.20
C SER A 220 1.28 -6.64 -12.90
N TYR A 221 1.59 -5.58 -13.64
CA TYR A 221 0.91 -4.29 -13.50
C TYR A 221 0.52 -3.88 -14.93
N PRO A 222 -0.48 -4.57 -15.51
CA PRO A 222 -1.03 -4.38 -16.85
C PRO A 222 -1.38 -2.97 -17.32
N LEU A 223 -1.85 -2.11 -16.41
CA LEU A 223 -2.23 -0.75 -16.82
C LEU A 223 -1.17 0.31 -16.56
N GLY A 224 0.00 -0.09 -16.08
CA GLY A 224 1.07 0.87 -15.84
C GLY A 224 0.94 1.74 -14.62
N PHE A 225 1.86 2.69 -14.48
CA PHE A 225 1.89 3.59 -13.34
C PHE A 225 1.65 5.06 -13.64
N ASP A 226 1.15 5.35 -14.84
CA ASP A 226 0.83 6.72 -15.22
C ASP A 226 -0.69 6.79 -15.22
N CYS A 227 -1.26 7.47 -14.22
CA CYS A 227 -2.71 7.58 -14.06
C CYS A 227 -3.36 8.81 -14.70
N ALA A 228 -2.63 9.46 -15.61
CA ALA A 228 -3.13 10.68 -16.27
C ALA A 228 -4.43 10.49 -17.07
N ASN A 229 -4.66 9.30 -17.60
CA ASN A 229 -5.86 9.03 -18.40
C ASN A 229 -6.61 7.84 -17.82
N PRO A 230 -7.29 8.04 -16.68
CA PRO A 230 -8.08 7.05 -15.94
C PRO A 230 -9.07 6.21 -16.74
N SER A 231 -9.63 6.76 -17.81
CA SER A 231 -10.61 6.02 -18.60
C SER A 231 -10.00 5.31 -19.80
N THR A 232 -8.70 5.47 -19.99
CA THR A 232 -8.03 4.85 -21.11
C THR A 232 -7.41 3.48 -20.79
N TRP A 233 -7.88 2.46 -21.51
CA TRP A 233 -7.39 1.10 -21.36
C TRP A 233 -6.73 0.75 -22.69
N PRO A 234 -5.42 0.98 -22.80
CA PRO A 234 -4.65 0.70 -24.02
C PRO A 234 -4.84 -0.68 -24.63
N SER A 235 -4.90 -0.71 -25.96
CA SER A 235 -5.07 -1.95 -26.70
C SER A 235 -3.99 -2.98 -26.37
N GLY A 236 -4.42 -4.22 -26.14
CA GLY A 236 -3.49 -5.29 -25.85
C GLY A 236 -2.90 -5.41 -24.45
N ASN A 237 -3.25 -4.51 -23.55
CA ASN A 237 -2.71 -4.55 -22.19
C ASN A 237 -3.21 -5.70 -21.31
N LEU A 238 -4.35 -6.28 -21.65
CA LEU A 238 -4.86 -7.40 -20.85
C LEU A 238 -4.04 -8.65 -21.19
N PRO A 239 -3.31 -9.19 -20.21
CA PRO A 239 -2.50 -10.38 -20.47
C PRO A 239 -3.37 -11.63 -20.68
N THR A 240 -2.99 -12.45 -21.65
CA THR A 240 -3.74 -13.67 -21.95
C THR A 240 -2.86 -14.92 -21.94
N TYR A 241 -1.57 -14.74 -21.65
CA TYR A 241 -0.62 -15.86 -21.67
C TYR A 241 -0.14 -16.42 -20.33
N PHE A 242 -0.64 -15.91 -19.22
CA PHE A 242 -0.18 -16.37 -17.92
C PHE A 242 -0.29 -17.86 -17.64
N HIS A 243 -1.37 -18.50 -18.09
CA HIS A 243 -1.51 -19.93 -17.85
C HIS A 243 -0.51 -20.71 -18.70
N THR A 244 -0.37 -20.30 -19.97
CA THR A 244 0.57 -20.95 -20.87
C THR A 244 1.98 -20.91 -20.30
N SER A 245 2.43 -19.71 -19.93
CA SER A 245 3.77 -19.54 -19.37
C SER A 245 3.93 -20.33 -18.08
N HIS A 246 2.89 -20.37 -17.25
CA HIS A 246 2.98 -21.11 -16.00
C HIS A 246 3.24 -22.59 -16.21
N GLU A 247 2.53 -23.20 -17.15
CA GLU A 247 2.70 -24.63 -17.42
C GLU A 247 4.08 -24.93 -18.00
N GLN A 248 4.70 -23.94 -18.62
CA GLN A 248 6.03 -24.12 -19.20
C GLN A 248 7.13 -23.85 -18.18
N GLN A 249 6.88 -22.93 -17.25
CA GLN A 249 7.89 -22.55 -16.27
C GLN A 249 7.88 -23.19 -14.89
N SER A 250 6.70 -23.52 -14.36
CA SER A 250 6.63 -24.14 -13.05
C SER A 250 5.32 -24.90 -12.86
N PRO A 251 5.05 -25.89 -13.73
CA PRO A 251 3.82 -26.68 -13.65
C PRO A 251 3.60 -27.46 -12.35
N SER A 252 4.68 -27.70 -11.60
CA SER A 252 4.57 -28.44 -10.35
C SER A 252 4.10 -27.62 -9.15
N THR A 253 4.03 -26.30 -9.30
CA THR A 253 3.60 -25.47 -8.18
C THR A 253 2.37 -24.63 -8.53
N PRO A 254 1.58 -24.23 -7.50
CA PRO A 254 0.38 -23.43 -7.72
C PRO A 254 0.66 -22.11 -8.42
N TYR A 255 -0.13 -21.78 -9.44
CA TYR A 255 0.09 -20.52 -10.15
C TYR A 255 -0.05 -19.37 -9.14
N SER A 256 0.99 -18.54 -9.07
CA SER A 256 1.01 -17.45 -8.11
C SER A 256 1.39 -16.07 -8.65
N LEU A 257 0.56 -15.09 -8.32
CA LEU A 257 0.81 -13.70 -8.70
C LEU A 257 1.11 -13.04 -7.35
N VAL A 258 2.40 -12.88 -7.05
CA VAL A 258 2.84 -12.31 -5.77
C VAL A 258 2.61 -10.81 -5.68
N GLU A 259 2.56 -10.16 -6.82
CA GLU A 259 2.27 -8.74 -6.88
C GLU A 259 1.41 -8.47 -8.09
N PHE A 260 0.11 -8.24 -7.88
CA PHE A 260 -0.74 -7.90 -9.00
C PHE A 260 -1.30 -6.51 -8.72
N GLN A 261 -1.27 -5.66 -9.74
CA GLN A 261 -1.73 -4.29 -9.64
C GLN A 261 -3.00 -4.04 -8.82
N GLY A 262 -2.88 -3.18 -7.81
CA GLY A 262 -4.00 -2.82 -6.96
C GLY A 262 -4.11 -1.31 -6.94
N GLY A 263 -3.27 -0.67 -7.75
CA GLY A 263 -3.25 0.78 -7.84
C GLY A 263 -2.00 1.18 -8.58
N ALA A 264 -1.43 2.33 -8.25
CA ALA A 264 -0.21 2.79 -8.90
C ALA A 264 0.47 3.86 -8.06
N PHE A 265 1.78 4.02 -8.26
CA PHE A 265 2.48 5.07 -7.53
C PHE A 265 2.33 6.34 -8.38
N ASP A 266 2.69 7.49 -7.81
CA ASP A 266 2.56 8.76 -8.51
C ASP A 266 3.79 9.58 -8.15
N PRO A 267 4.46 10.17 -9.15
CA PRO A 267 5.67 10.98 -8.94
C PRO A 267 5.44 12.44 -8.59
N TRP A 268 6.51 13.10 -8.15
CA TRP A 268 6.43 14.53 -7.87
C TRP A 268 5.97 15.11 -9.20
N GLY A 269 5.14 16.14 -9.15
CA GLY A 269 4.64 16.74 -10.38
C GLY A 269 3.72 15.77 -11.10
N GLY A 270 3.20 14.79 -10.36
CA GLY A 270 2.31 13.79 -10.92
C GLY A 270 0.88 14.25 -11.08
N VAL A 271 -0.04 13.30 -11.22
CA VAL A 271 -1.45 13.62 -11.43
C VAL A 271 -2.37 13.47 -10.21
N GLY A 272 -1.82 13.02 -9.08
CA GLY A 272 -2.64 12.85 -7.90
C GLY A 272 -3.17 11.43 -7.78
N PHE A 273 -3.24 10.90 -6.57
CA PHE A 273 -3.71 9.54 -6.37
C PHE A 273 -5.21 9.31 -6.63
N ALA A 274 -5.98 10.39 -6.70
CA ALA A 274 -7.40 10.24 -6.98
C ALA A 274 -7.55 9.66 -8.38
N LYS A 275 -6.69 10.11 -9.30
CA LYS A 275 -6.73 9.60 -10.67
C LYS A 275 -6.27 8.15 -10.72
N CYS A 276 -5.35 7.77 -9.83
CA CYS A 276 -4.89 6.39 -9.82
C CYS A 276 -6.01 5.49 -9.33
N ALA A 277 -6.81 5.99 -8.39
CA ALA A 277 -7.94 5.22 -7.87
C ALA A 277 -8.98 5.07 -8.99
N ALA A 278 -9.08 6.09 -9.84
CA ALA A 278 -10.04 6.07 -10.95
C ALA A 278 -9.59 5.14 -12.06
N LEU A 279 -8.27 5.03 -12.27
CA LEU A 279 -7.75 4.14 -13.29
C LEU A 279 -7.90 2.69 -12.84
N LEU A 280 -7.37 2.39 -11.66
CA LEU A 280 -7.48 1.04 -11.10
C LEU A 280 -8.75 0.97 -10.25
N ASN A 281 -9.89 1.24 -10.90
CA ASN A 281 -11.16 1.26 -10.21
C ASN A 281 -11.87 -0.10 -10.16
N HIS A 282 -13.14 -0.08 -9.78
CA HIS A 282 -13.91 -1.32 -9.68
C HIS A 282 -14.04 -2.06 -11.02
N GLU A 283 -14.03 -1.32 -12.12
CA GLU A 283 -14.13 -1.96 -13.43
C GLU A 283 -12.82 -2.67 -13.75
N PHE A 284 -11.71 -2.01 -13.44
CA PHE A 284 -10.39 -2.61 -13.65
C PHE A 284 -10.33 -3.92 -12.87
N GLU A 285 -10.79 -3.88 -11.62
CA GLU A 285 -10.76 -5.05 -10.77
C GLU A 285 -11.55 -6.24 -11.30
N ARG A 286 -12.82 -6.04 -11.61
CA ARG A 286 -13.63 -7.16 -12.10
C ARG A 286 -13.10 -7.73 -13.40
N VAL A 287 -12.62 -6.88 -14.30
CA VAL A 287 -12.08 -7.38 -15.56
C VAL A 287 -10.71 -8.05 -15.39
N PHE A 288 -9.76 -7.35 -14.78
CA PHE A 288 -8.42 -7.90 -14.62
C PHE A 288 -8.25 -8.98 -13.54
N TYR A 289 -8.97 -8.86 -12.43
CA TYR A 289 -8.82 -9.87 -11.38
C TYR A 289 -9.49 -11.18 -11.79
N LYS A 290 -10.63 -11.09 -12.47
CA LYS A 290 -11.29 -12.31 -12.92
C LYS A 290 -10.44 -12.93 -14.03
N ASN A 291 -9.72 -12.09 -14.77
CA ASN A 291 -8.85 -12.58 -15.82
C ASN A 291 -7.77 -13.42 -15.13
N ASP A 292 -7.34 -13.01 -13.94
CA ASP A 292 -6.33 -13.78 -13.22
C ASP A 292 -6.91 -15.13 -12.79
N PHE A 293 -8.19 -15.14 -12.43
CA PHE A 293 -8.85 -16.39 -12.04
C PHE A 293 -8.97 -17.30 -13.26
N SER A 294 -9.04 -16.72 -14.45
CA SER A 294 -9.15 -17.51 -15.67
C SER A 294 -7.88 -18.35 -15.87
N PHE A 295 -6.80 -17.97 -15.17
CA PHE A 295 -5.53 -18.69 -15.26
C PHE A 295 -5.40 -19.70 -14.13
N GLY A 296 -6.40 -19.74 -13.25
CA GLY A 296 -6.36 -20.66 -12.13
C GLY A 296 -5.42 -20.21 -11.02
N VAL A 297 -5.24 -18.89 -10.89
CA VAL A 297 -4.35 -18.38 -9.85
C VAL A 297 -4.78 -18.91 -8.47
N ALA A 298 -3.82 -19.46 -7.74
CA ALA A 298 -4.09 -20.05 -6.42
C ALA A 298 -3.56 -19.19 -5.28
N PHE A 299 -2.65 -18.26 -5.62
CA PHE A 299 -2.12 -17.31 -4.65
C PHE A 299 -2.10 -15.98 -5.38
N LEU A 300 -2.91 -15.04 -4.90
CA LEU A 300 -3.00 -13.72 -5.53
C LEU A 300 -2.87 -12.63 -4.48
N ASN A 301 -1.84 -11.81 -4.63
CA ASN A 301 -1.62 -10.70 -3.70
C ASN A 301 -1.71 -9.39 -4.45
N LEU A 302 -2.54 -8.48 -3.94
CA LEU A 302 -2.74 -7.18 -4.57
C LEU A 302 -1.85 -6.12 -3.95
N TYR A 303 -0.99 -5.51 -4.77
CA TYR A 303 -0.06 -4.47 -4.34
C TYR A 303 -0.62 -3.14 -4.88
N MET A 304 -1.12 -2.23 -4.03
CA MET A 304 -1.24 -2.35 -2.57
C MET A 304 -2.73 -2.50 -2.25
N ILE A 305 -3.06 -2.93 -1.04
CA ILE A 305 -4.46 -3.02 -0.61
C ILE A 305 -4.66 -1.77 0.26
N PHE A 306 -3.58 -1.38 0.95
CA PHE A 306 -3.53 -0.18 1.78
C PHE A 306 -2.11 0.34 1.62
N GLY A 307 -1.96 1.56 1.09
CA GLY A 307 -0.64 2.12 0.86
C GLY A 307 0.03 2.84 2.02
N GLY A 308 -0.72 3.67 2.72
CA GLY A 308 -0.11 4.37 3.84
C GLY A 308 0.58 5.66 3.45
N THR A 309 1.56 6.05 4.25
CA THR A 309 2.26 7.31 4.04
C THR A 309 3.78 7.22 4.14
N ASN A 310 4.48 7.94 3.25
CA ASN A 310 5.93 7.96 3.25
C ASN A 310 6.38 9.06 4.21
N TRP A 311 6.02 8.92 5.48
CA TRP A 311 6.38 9.90 6.50
C TRP A 311 7.88 9.86 6.79
N GLY A 312 8.37 10.89 7.46
CA GLY A 312 9.77 10.97 7.84
C GLY A 312 10.81 10.64 6.78
N ASN A 313 10.61 11.14 5.56
CA ASN A 313 11.57 10.93 4.46
C ASN A 313 11.86 9.48 4.10
N LEU A 314 10.96 8.55 4.42
CA LEU A 314 11.23 7.16 4.10
C LEU A 314 11.07 6.81 2.62
N GLY A 315 10.43 7.68 1.84
CA GLY A 315 10.22 7.39 0.43
C GLY A 315 11.35 7.78 -0.51
N HIS A 316 11.29 7.31 -1.75
CA HIS A 316 12.32 7.64 -2.74
C HIS A 316 11.91 8.90 -3.51
N PRO A 317 12.84 9.46 -4.31
CA PRO A 317 12.55 10.68 -5.09
C PRO A 317 11.51 10.46 -6.19
N GLY A 318 11.25 9.20 -6.53
CA GLY A 318 10.29 8.88 -7.58
C GLY A 318 8.85 9.00 -7.12
N GLY A 319 8.67 9.42 -5.88
CA GLY A 319 7.34 9.59 -5.32
C GLY A 319 7.39 10.70 -4.29
N TYR A 320 6.24 11.13 -3.80
CA TYR A 320 6.22 12.18 -2.78
C TYR A 320 5.79 11.63 -1.42
N THR A 321 5.25 12.48 -0.55
CA THR A 321 4.87 12.00 0.79
C THR A 321 3.78 10.93 0.79
N SER A 322 2.70 11.19 0.08
CA SER A 322 1.60 10.25 0.02
C SER A 322 1.91 8.94 -0.69
N TYR A 323 1.37 7.85 -0.16
CA TYR A 323 1.50 6.54 -0.80
C TYR A 323 0.09 5.94 -0.82
N ASP A 324 -0.91 6.81 -0.98
CA ASP A 324 -2.30 6.36 -1.03
C ASP A 324 -2.42 5.24 -2.05
N TYR A 325 -1.67 5.37 -3.14
CA TYR A 325 -1.61 4.36 -4.19
C TYR A 325 -2.93 4.16 -4.95
N GLY A 326 -3.98 4.85 -4.54
CA GLY A 326 -5.26 4.67 -5.20
C GLY A 326 -5.83 3.30 -4.88
N SER A 327 -5.37 2.72 -3.77
CA SER A 327 -5.80 1.39 -3.36
C SER A 327 -7.22 1.33 -2.75
N ALA A 328 -7.73 0.12 -2.55
CA ALA A 328 -9.07 -0.10 -2.00
C ALA A 328 -9.27 0.57 -0.65
N ILE A 329 -8.27 0.48 0.21
CA ILE A 329 -8.29 1.11 1.52
C ILE A 329 -7.41 2.34 1.34
N SER A 330 -8.00 3.54 1.50
CA SER A 330 -7.27 4.79 1.31
C SER A 330 -6.18 5.06 2.34
N GLU A 331 -5.40 6.11 2.09
CA GLU A 331 -4.31 6.50 2.97
C GLU A 331 -4.81 6.81 4.38
N SER A 332 -6.04 7.32 4.47
CA SER A 332 -6.65 7.64 5.76
C SER A 332 -7.43 6.44 6.28
N ARG A 333 -7.25 5.30 5.62
CA ARG A 333 -7.88 4.04 5.98
C ARG A 333 -9.36 3.91 5.65
N ASN A 334 -9.92 4.84 4.87
CA ASN A 334 -11.34 4.72 4.55
C ASN A 334 -11.58 3.72 3.42
N ILE A 335 -12.80 3.19 3.36
CA ILE A 335 -13.15 2.21 2.35
C ILE A 335 -14.41 2.63 1.61
N THR A 336 -14.47 3.90 1.22
CA THR A 336 -15.60 4.44 0.48
C THR A 336 -15.51 4.13 -1.00
N ARG A 337 -14.30 3.99 -1.52
CA ARG A 337 -14.09 3.70 -2.94
C ARG A 337 -14.84 2.46 -3.39
N GLU A 338 -15.56 2.57 -4.51
CA GLU A 338 -16.34 1.45 -5.01
C GLU A 338 -15.49 0.22 -5.25
N LYS A 339 -14.22 0.41 -5.57
CA LYS A 339 -13.32 -0.71 -5.82
C LYS A 339 -13.21 -1.62 -4.60
N TYR A 340 -13.40 -1.07 -3.40
CA TYR A 340 -13.33 -1.90 -2.21
C TYR A 340 -14.51 -2.86 -2.17
N SER A 341 -15.71 -2.34 -2.41
CA SER A 341 -16.92 -3.16 -2.39
C SER A 341 -16.92 -4.21 -3.50
N GLU A 342 -16.44 -3.84 -4.69
CA GLU A 342 -16.38 -4.78 -5.81
C GLU A 342 -15.43 -5.91 -5.48
N LEU A 343 -14.29 -5.56 -4.91
CA LEU A 343 -13.26 -6.55 -4.55
C LEU A 343 -13.82 -7.54 -3.53
N LYS A 344 -14.65 -7.04 -2.62
CA LYS A 344 -15.25 -7.89 -1.60
C LYS A 344 -16.10 -8.99 -2.22
N LEU A 345 -16.75 -8.68 -3.34
CA LEU A 345 -17.60 -9.66 -4.02
C LEU A 345 -16.75 -10.83 -4.54
N LEU A 346 -15.60 -10.51 -5.13
CA LEU A 346 -14.73 -11.55 -5.66
C LEU A 346 -14.03 -12.30 -4.53
N GLY A 347 -13.62 -11.59 -3.50
CA GLY A 347 -12.96 -12.23 -2.38
C GLY A 347 -13.87 -13.26 -1.73
N ASN A 348 -15.14 -12.92 -1.58
CA ASN A 348 -16.08 -13.85 -0.95
C ASN A 348 -16.47 -15.01 -1.84
N PHE A 349 -16.40 -14.81 -3.16
CA PHE A 349 -16.69 -15.89 -4.10
C PHE A 349 -15.60 -16.94 -3.89
N ALA A 350 -14.35 -16.49 -3.92
CA ALA A 350 -13.20 -17.39 -3.76
C ALA A 350 -13.21 -18.16 -2.46
N LYS A 351 -13.60 -17.49 -1.38
CA LYS A 351 -13.62 -18.10 -0.06
C LYS A 351 -14.55 -19.31 0.09
N VAL A 352 -15.61 -19.34 -0.71
CA VAL A 352 -16.57 -20.44 -0.62
C VAL A 352 -16.60 -21.35 -1.85
N SER A 353 -15.57 -21.26 -2.68
CA SER A 353 -15.54 -22.06 -3.90
C SER A 353 -14.33 -22.98 -4.07
N PRO A 354 -14.25 -24.06 -3.27
CA PRO A 354 -13.14 -25.00 -3.36
C PRO A 354 -13.00 -25.65 -4.73
N GLY A 355 -14.12 -25.77 -5.43
CA GLY A 355 -14.11 -26.37 -6.75
C GLY A 355 -13.23 -25.62 -7.74
N TYR A 356 -13.11 -24.31 -7.54
CA TYR A 356 -12.29 -23.48 -8.42
C TYR A 356 -10.81 -23.89 -8.42
N LEU A 357 -10.28 -24.22 -7.24
CA LEU A 357 -8.87 -24.62 -7.12
C LEU A 357 -8.48 -25.91 -7.84
N VAL A 358 -9.40 -26.87 -7.91
CA VAL A 358 -9.09 -28.13 -8.58
C VAL A 358 -9.57 -28.18 -10.02
N ALA A 359 -10.11 -27.08 -10.51
CA ALA A 359 -10.57 -27.01 -11.90
C ALA A 359 -9.34 -26.79 -12.77
N ASN A 360 -9.37 -27.30 -13.99
CA ASN A 360 -8.25 -27.16 -14.92
C ASN A 360 -8.44 -26.04 -15.93
N PRO A 361 -7.60 -24.99 -15.85
CA PRO A 361 -7.70 -23.86 -16.77
C PRO A 361 -7.46 -24.31 -18.21
N GLY A 362 -8.26 -23.78 -19.13
CA GLY A 362 -8.13 -24.13 -20.53
C GLY A 362 -7.80 -22.91 -21.37
N ASP A 363 -7.95 -23.04 -22.69
CA ASP A 363 -7.65 -21.93 -23.59
C ASP A 363 -8.87 -21.06 -23.82
N LEU A 364 -8.66 -19.75 -23.91
CA LEU A 364 -9.75 -18.82 -24.15
C LEU A 364 -10.31 -19.08 -25.54
N SER A 365 -11.57 -18.72 -25.76
CA SER A 365 -12.21 -18.93 -27.05
C SER A 365 -13.28 -17.89 -27.31
N THR A 366 -13.46 -17.52 -28.58
CA THR A 366 -14.47 -16.55 -28.96
C THR A 366 -15.62 -17.26 -29.66
N SER A 367 -15.54 -18.57 -29.79
CA SER A 367 -16.59 -19.31 -30.49
C SER A 367 -17.20 -20.49 -29.75
N THR A 368 -16.41 -21.15 -28.90
CA THR A 368 -16.89 -22.33 -28.19
C THR A 368 -17.95 -22.14 -27.11
N TYR A 369 -17.88 -21.04 -26.37
CA TYR A 369 -18.81 -20.85 -25.26
C TYR A 369 -19.97 -19.84 -25.34
N THR A 370 -20.05 -19.06 -26.40
CA THR A 370 -21.16 -18.13 -26.57
C THR A 370 -21.49 -18.05 -28.05
N ASN A 371 -22.61 -17.41 -28.37
CA ASN A 371 -23.04 -17.27 -29.76
C ASN A 371 -22.53 -16.00 -30.43
N THR A 372 -21.53 -15.35 -29.83
CA THR A 372 -20.96 -14.14 -30.41
C THR A 372 -19.47 -14.02 -30.17
N ALA A 373 -18.73 -13.71 -31.23
CA ALA A 373 -17.28 -13.56 -31.15
C ALA A 373 -16.87 -12.29 -30.44
N ASP A 374 -17.83 -11.40 -30.16
CA ASP A 374 -17.52 -10.16 -29.45
C ASP A 374 -17.20 -10.44 -28.00
N LEU A 375 -17.46 -11.67 -27.56
CA LEU A 375 -17.19 -12.06 -26.19
C LEU A 375 -16.17 -13.19 -26.15
N THR A 376 -15.35 -13.19 -25.12
CA THR A 376 -14.33 -14.21 -24.95
C THR A 376 -14.58 -14.94 -23.64
N VAL A 377 -14.46 -16.27 -23.68
CA VAL A 377 -14.67 -17.09 -22.49
C VAL A 377 -13.48 -18.00 -22.27
N THR A 378 -13.01 -18.05 -21.03
CA THR A 378 -11.90 -18.92 -20.68
C THR A 378 -12.47 -19.96 -19.72
N PRO A 379 -12.34 -21.25 -20.08
CA PRO A 379 -12.86 -22.32 -19.23
C PRO A 379 -11.91 -22.84 -18.17
N LEU A 380 -12.49 -23.24 -17.05
CA LEU A 380 -11.79 -23.85 -15.92
C LEU A 380 -12.68 -25.08 -15.76
N LEU A 381 -12.27 -26.18 -16.38
CA LEU A 381 -13.07 -27.40 -16.36
C LEU A 381 -12.80 -28.39 -15.22
N GLY A 382 -13.88 -28.96 -14.71
CA GLY A 382 -13.77 -29.93 -13.63
C GLY A 382 -13.07 -31.20 -14.09
N SER A 383 -12.52 -31.95 -13.14
CA SER A 383 -11.81 -33.18 -13.44
C SER A 383 -12.66 -34.23 -14.15
N ASN A 384 -13.94 -34.30 -13.79
CA ASN A 384 -14.85 -35.26 -14.43
C ASN A 384 -16.18 -34.59 -14.79
N SER A 385 -17.08 -35.37 -15.39
CA SER A 385 -18.38 -34.86 -15.81
C SER A 385 -19.23 -34.22 -14.71
N SER A 386 -19.06 -34.67 -13.48
CA SER A 386 -19.86 -34.12 -12.37
C SER A 386 -19.16 -33.03 -11.58
N ALA A 387 -17.88 -32.79 -11.88
CA ALA A 387 -17.11 -31.77 -11.18
C ALA A 387 -17.49 -30.36 -11.63
N SER A 388 -17.40 -29.41 -10.70
CA SER A 388 -17.74 -28.02 -11.00
C SER A 388 -16.78 -27.42 -12.02
N SER A 389 -17.32 -26.56 -12.87
CA SER A 389 -16.53 -25.87 -13.88
C SER A 389 -16.85 -24.39 -13.75
N PHE A 390 -15.93 -23.55 -14.22
CA PHE A 390 -16.12 -22.11 -14.16
C PHE A 390 -15.76 -21.52 -15.51
N PHE A 391 -16.52 -20.50 -15.91
CA PHE A 391 -16.29 -19.85 -17.19
C PHE A 391 -16.19 -18.35 -17.00
N VAL A 392 -14.98 -17.84 -17.23
CA VAL A 392 -14.71 -16.42 -17.10
C VAL A 392 -15.01 -15.74 -18.43
N ILE A 393 -16.00 -14.87 -18.45
CA ILE A 393 -16.40 -14.19 -19.66
C ILE A 393 -16.07 -12.70 -19.61
N ARG A 394 -15.66 -12.16 -20.76
CA ARG A 394 -15.31 -10.75 -20.89
C ARG A 394 -15.50 -10.35 -22.34
N HIS A 395 -15.38 -9.05 -22.61
CA HIS A 395 -15.48 -8.58 -23.99
C HIS A 395 -14.17 -9.01 -24.65
N SER A 396 -14.24 -9.42 -25.92
CA SER A 396 -13.04 -9.85 -26.63
C SER A 396 -12.01 -8.72 -26.67
N ASP A 397 -12.50 -7.51 -26.80
CA ASP A 397 -11.65 -6.32 -26.74
C ASP A 397 -11.91 -5.91 -25.30
N TYR A 398 -10.97 -6.26 -24.41
CA TYR A 398 -11.12 -5.99 -22.98
C TYR A 398 -11.47 -4.56 -22.58
N SER A 399 -11.16 -3.59 -23.43
CA SER A 399 -11.47 -2.19 -23.11
C SER A 399 -12.88 -1.78 -23.53
N SER A 400 -13.59 -2.66 -24.23
CA SER A 400 -14.93 -2.34 -24.70
C SER A 400 -15.92 -1.87 -23.63
N GLN A 401 -16.61 -0.78 -23.94
CA GLN A 401 -17.61 -0.19 -23.05
C GLN A 401 -19.00 -0.55 -23.58
N ALA A 402 -19.04 -1.39 -24.60
CA ALA A 402 -20.30 -1.80 -25.21
C ALA A 402 -21.06 -2.81 -24.35
N SER A 403 -22.37 -2.87 -24.58
CA SER A 403 -23.24 -3.81 -23.89
C SER A 403 -23.58 -4.86 -24.92
N VAL A 404 -23.26 -6.12 -24.63
CA VAL A 404 -23.50 -7.20 -25.58
C VAL A 404 -24.41 -8.30 -25.04
N GLU A 405 -25.42 -8.66 -25.83
CA GLU A 405 -26.33 -9.73 -25.43
C GLU A 405 -25.82 -11.02 -26.02
N TYR A 406 -26.01 -12.12 -25.29
CA TYR A 406 -25.52 -13.40 -25.75
C TYR A 406 -26.20 -14.58 -25.10
N LYS A 407 -25.81 -15.76 -25.57
CA LYS A 407 -26.31 -17.02 -25.04
C LYS A 407 -25.07 -17.83 -24.73
N LEU A 408 -25.09 -18.48 -23.58
CA LEU A 408 -23.97 -19.29 -23.11
C LEU A 408 -24.14 -20.76 -23.49
N THR A 409 -23.15 -21.32 -24.18
CA THR A 409 -23.17 -22.72 -24.58
C THR A 409 -22.03 -23.42 -23.84
N VAL A 410 -22.35 -24.05 -22.73
CA VAL A 410 -21.34 -24.71 -21.91
C VAL A 410 -21.66 -26.16 -21.54
N PRO A 411 -20.62 -26.95 -21.28
CA PRO A 411 -20.77 -28.36 -20.90
C PRO A 411 -21.09 -28.48 -19.42
N THR A 412 -21.97 -29.43 -19.08
CA THR A 412 -22.36 -29.66 -17.69
C THR A 412 -22.59 -31.15 -17.50
N SER A 413 -22.88 -31.55 -16.27
CA SER A 413 -23.14 -32.96 -15.96
C SER A 413 -24.38 -33.44 -16.71
N ALA A 414 -25.20 -32.49 -17.16
CA ALA A 414 -26.43 -32.82 -17.89
C ALA A 414 -26.22 -32.70 -19.40
N GLY A 415 -24.97 -32.51 -19.81
CA GLY A 415 -24.67 -32.37 -21.23
C GLY A 415 -24.47 -30.91 -21.60
N ASN A 416 -24.27 -30.65 -22.89
CA ASN A 416 -24.07 -29.29 -23.35
C ASN A 416 -25.39 -28.52 -23.37
N LEU A 417 -25.42 -27.41 -22.67
CA LEU A 417 -26.63 -26.60 -22.58
C LEU A 417 -26.47 -25.23 -23.23
N THR A 418 -27.58 -24.67 -23.69
CA THR A 418 -27.60 -23.35 -24.28
C THR A 418 -28.47 -22.53 -23.32
N ILE A 419 -27.82 -21.61 -22.62
CA ILE A 419 -28.46 -20.78 -21.61
C ILE A 419 -28.59 -19.32 -22.07
N PRO A 420 -29.72 -18.68 -21.79
CA PRO A 420 -30.92 -19.13 -21.07
C PRO A 420 -31.72 -20.23 -21.77
N GLN A 421 -32.20 -21.19 -20.99
CA GLN A 421 -32.99 -22.29 -21.54
C GLN A 421 -34.46 -21.92 -21.62
N LEU A 422 -34.89 -20.98 -20.78
CA LEU A 422 -36.29 -20.56 -20.76
C LEU A 422 -36.60 -19.34 -21.60
N GLY A 423 -35.64 -18.92 -22.43
CA GLY A 423 -35.85 -17.77 -23.28
C GLY A 423 -35.06 -16.54 -22.88
N GLY A 424 -34.93 -15.60 -23.81
CA GLY A 424 -34.19 -14.38 -23.55
C GLY A 424 -32.70 -14.54 -23.74
N SER A 425 -31.96 -13.47 -23.47
CA SER A 425 -30.51 -13.50 -23.62
C SER A 425 -29.83 -12.90 -22.40
N LEU A 426 -28.56 -13.23 -22.24
CA LEU A 426 -27.76 -12.71 -21.13
C LEU A 426 -27.12 -11.43 -21.64
N THR A 427 -26.65 -10.59 -20.73
CA THR A 427 -26.02 -9.33 -21.12
C THR A 427 -24.70 -9.09 -20.39
N LEU A 428 -23.70 -8.61 -21.11
CA LEU A 428 -22.41 -8.27 -20.50
C LEU A 428 -22.22 -6.80 -20.81
N SER A 429 -22.36 -5.97 -19.79
CA SER A 429 -22.24 -4.53 -19.93
C SER A 429 -20.80 -4.08 -20.11
N GLY A 430 -20.62 -2.78 -20.36
CA GLY A 430 -19.31 -2.22 -20.57
C GLY A 430 -18.31 -2.50 -19.46
N ARG A 431 -17.10 -2.87 -19.86
CA ARG A 431 -16.00 -3.17 -18.94
C ARG A 431 -16.40 -3.99 -17.72
N ASP A 432 -17.08 -5.09 -17.99
CA ASP A 432 -17.49 -6.00 -16.93
C ASP A 432 -17.01 -7.40 -17.33
N SER A 433 -16.86 -8.24 -16.32
CA SER A 433 -16.45 -9.63 -16.53
C SER A 433 -17.16 -10.41 -15.45
N LYS A 434 -17.56 -11.63 -15.78
CA LYS A 434 -18.27 -12.45 -14.81
C LYS A 434 -17.74 -13.88 -14.81
N ILE A 435 -17.95 -14.57 -13.70
CA ILE A 435 -17.55 -15.96 -13.58
C ILE A 435 -18.84 -16.77 -13.49
N HIS A 436 -19.22 -17.40 -14.60
CA HIS A 436 -20.41 -18.24 -14.64
C HIS A 436 -19.99 -19.59 -14.09
N VAL A 437 -20.91 -20.27 -13.39
CA VAL A 437 -20.58 -21.56 -12.80
C VAL A 437 -21.49 -22.70 -13.22
N THR A 438 -20.95 -23.91 -13.25
CA THR A 438 -21.71 -25.11 -13.60
C THR A 438 -21.41 -26.19 -12.57
N ASP A 439 -22.43 -26.99 -12.24
CA ASP A 439 -22.27 -28.06 -11.26
C ASP A 439 -21.57 -27.53 -10.02
N TYR A 440 -22.04 -26.38 -9.55
CA TYR A 440 -21.48 -25.71 -8.38
C TYR A 440 -22.13 -26.26 -7.11
N ASP A 441 -21.29 -26.74 -6.19
CA ASP A 441 -21.80 -27.31 -4.95
C ASP A 441 -22.14 -26.34 -3.83
N VAL A 442 -23.34 -26.51 -3.30
CA VAL A 442 -23.82 -25.70 -2.17
C VAL A 442 -24.23 -26.70 -1.10
N ALA A 443 -23.26 -27.13 -0.29
CA ALA A 443 -23.48 -28.07 0.80
C ALA A 443 -24.28 -29.31 0.40
N GLY A 444 -23.91 -29.93 -0.71
CA GLY A 444 -24.62 -31.13 -1.14
C GLY A 444 -25.67 -30.92 -2.21
N THR A 445 -26.11 -29.66 -2.39
CA THR A 445 -27.10 -29.35 -3.41
C THR A 445 -26.32 -28.88 -4.63
N ASN A 446 -26.60 -29.49 -5.78
CA ASN A 446 -25.91 -29.15 -7.00
C ASN A 446 -26.57 -28.04 -7.80
N ILE A 447 -25.87 -26.94 -7.99
CA ILE A 447 -26.38 -25.84 -8.79
C ILE A 447 -25.87 -26.17 -10.18
N LEU A 448 -26.70 -26.84 -10.98
CA LEU A 448 -26.31 -27.25 -12.32
C LEU A 448 -25.60 -26.12 -13.04
N TYR A 449 -26.12 -24.91 -12.88
CA TYR A 449 -25.50 -23.73 -13.48
C TYR A 449 -26.15 -22.45 -12.96
N SER A 450 -25.40 -21.37 -13.07
CA SER A 450 -25.88 -20.05 -12.69
C SER A 450 -25.12 -19.04 -13.50
N THR A 451 -25.85 -18.18 -14.20
CA THR A 451 -25.25 -17.14 -15.00
C THR A 451 -24.91 -15.98 -14.05
N ALA A 452 -25.80 -15.74 -13.09
CA ALA A 452 -25.55 -14.68 -12.11
C ALA A 452 -24.40 -15.17 -11.24
N GLU A 453 -23.58 -14.25 -10.76
CA GLU A 453 -22.43 -14.60 -9.95
C GLU A 453 -22.69 -14.90 -8.48
N VAL A 454 -21.87 -15.80 -7.94
CA VAL A 454 -21.98 -16.20 -6.55
C VAL A 454 -21.23 -15.26 -5.63
N PHE A 455 -21.93 -14.71 -4.63
CA PHE A 455 -21.29 -13.83 -3.66
C PHE A 455 -20.86 -14.74 -2.50
N THR A 456 -21.78 -15.56 -2.04
CA THR A 456 -21.48 -16.47 -0.95
C THR A 456 -22.64 -17.47 -0.79
N TRP A 457 -22.43 -18.46 0.07
CA TRP A 457 -23.46 -19.44 0.35
C TRP A 457 -23.11 -20.10 1.68
N LYS A 458 -24.13 -20.56 2.40
CA LYS A 458 -23.93 -21.19 3.68
C LYS A 458 -25.02 -22.23 3.94
N LYS A 459 -24.75 -23.12 4.88
CA LYS A 459 -25.71 -24.11 5.30
C LYS A 459 -25.93 -23.78 6.77
N PHE A 460 -27.15 -23.39 7.12
CA PHE A 460 -27.49 -23.05 8.49
C PHE A 460 -28.42 -24.16 8.99
N ASN A 461 -27.86 -25.11 9.72
CA ASN A 461 -28.62 -26.24 10.22
C ASN A 461 -29.15 -26.98 8.99
N ASN A 462 -30.46 -26.94 8.77
CA ASN A 462 -31.02 -27.62 7.62
C ASN A 462 -31.35 -26.69 6.46
N GLU A 463 -31.17 -25.40 6.68
CA GLU A 463 -31.44 -24.40 5.64
C GLU A 463 -30.16 -24.05 4.87
N LYS A 464 -30.29 -23.94 3.56
CA LYS A 464 -29.14 -23.58 2.73
C LYS A 464 -29.45 -22.22 2.13
N VAL A 465 -28.44 -21.36 2.05
CA VAL A 465 -28.60 -20.03 1.49
C VAL A 465 -27.55 -19.76 0.42
N LEU A 466 -27.99 -19.28 -0.73
CA LEU A 466 -27.10 -18.96 -1.83
C LEU A 466 -27.37 -17.51 -2.25
N VAL A 467 -26.33 -16.69 -2.29
CA VAL A 467 -26.48 -15.30 -2.68
C VAL A 467 -25.91 -15.05 -4.07
N LEU A 468 -26.79 -14.68 -5.00
CA LEU A 468 -26.41 -14.40 -6.38
C LEU A 468 -26.63 -12.94 -6.73
N TYR A 469 -25.87 -12.42 -7.67
CA TYR A 469 -26.04 -11.04 -8.07
C TYR A 469 -25.71 -10.80 -9.54
N GLY A 470 -26.36 -9.78 -10.10
CA GLY A 470 -26.14 -9.42 -11.47
C GLY A 470 -26.07 -7.91 -11.53
N GLY A 471 -25.48 -7.37 -12.60
CA GLY A 471 -25.40 -5.94 -12.75
C GLY A 471 -26.73 -5.42 -13.28
N PRO A 472 -26.94 -4.10 -13.27
CA PRO A 472 -28.19 -3.48 -13.74
C PRO A 472 -28.61 -3.90 -15.16
N GLY A 473 -29.91 -4.14 -15.33
CA GLY A 473 -30.45 -4.51 -16.63
C GLY A 473 -30.15 -5.88 -17.19
N GLU A 474 -29.65 -6.78 -16.34
CA GLU A 474 -29.31 -8.12 -16.78
C GLU A 474 -30.41 -9.15 -16.53
N HIS A 475 -30.50 -10.13 -17.44
CA HIS A 475 -31.45 -11.22 -17.28
C HIS A 475 -30.59 -12.43 -16.96
N HIS A 476 -30.98 -13.20 -15.94
CA HIS A 476 -30.20 -14.35 -15.54
C HIS A 476 -31.02 -15.63 -15.36
N GLU A 477 -30.32 -16.74 -15.18
CA GLU A 477 -30.98 -18.02 -15.02
C GLU A 477 -30.08 -18.98 -14.26
N PHE A 478 -30.68 -19.85 -13.45
CA PHE A 478 -29.92 -20.84 -12.71
C PHE A 478 -30.76 -22.11 -12.66
N ALA A 479 -30.12 -23.23 -12.32
CA ALA A 479 -30.83 -24.50 -12.25
C ALA A 479 -30.32 -25.31 -11.07
N VAL A 480 -31.25 -25.99 -10.41
CA VAL A 480 -30.91 -26.82 -9.25
C VAL A 480 -31.24 -28.28 -9.57
N SER A 481 -30.21 -29.13 -9.53
CA SER A 481 -30.38 -30.55 -9.84
C SER A 481 -31.31 -31.25 -8.84
N GLY A 482 -32.24 -32.04 -9.37
CA GLY A 482 -33.15 -32.78 -8.53
C GLY A 482 -34.29 -32.03 -7.85
N ALA A 483 -34.36 -30.72 -8.06
CA ALA A 483 -35.41 -29.91 -7.44
C ALA A 483 -36.73 -30.10 -8.18
N SER A 484 -37.85 -29.96 -7.47
CA SER A 484 -39.16 -30.15 -8.08
C SER A 484 -39.90 -28.87 -8.47
N SER A 485 -39.79 -27.83 -7.65
CA SER A 485 -40.47 -26.57 -7.92
C SER A 485 -39.83 -25.44 -7.14
N SER A 486 -40.50 -24.30 -7.10
CA SER A 486 -39.98 -23.14 -6.37
C SER A 486 -41.09 -22.20 -5.93
N SER A 487 -40.76 -21.36 -4.95
CA SER A 487 -41.69 -20.38 -4.41
C SER A 487 -40.92 -19.08 -4.22
N VAL A 488 -41.56 -17.95 -4.52
CA VAL A 488 -40.91 -16.66 -4.30
C VAL A 488 -41.30 -16.29 -2.88
N VAL A 489 -40.35 -16.39 -1.96
CA VAL A 489 -40.62 -16.10 -0.55
C VAL A 489 -40.32 -14.68 -0.08
N GLU A 490 -39.94 -13.82 -1.01
CA GLU A 490 -39.72 -12.41 -0.73
C GLU A 490 -39.69 -11.66 -2.05
N GLY A 491 -40.44 -10.56 -2.09
CA GLY A 491 -40.49 -9.75 -3.30
C GLY A 491 -41.54 -10.20 -4.28
N SER A 492 -41.65 -9.46 -5.37
CA SER A 492 -42.61 -9.74 -6.44
C SER A 492 -42.15 -10.94 -7.26
N SER A 493 -43.11 -11.70 -7.79
CA SER A 493 -42.78 -12.86 -8.60
C SER A 493 -42.73 -12.45 -10.07
N SER A 494 -42.79 -11.13 -10.30
CA SER A 494 -42.74 -10.59 -11.65
C SER A 494 -41.39 -10.85 -12.30
N GLY A 495 -41.42 -11.35 -13.53
CA GLY A 495 -40.19 -11.61 -14.25
C GLY A 495 -39.46 -12.87 -13.80
N ILE A 496 -40.02 -13.59 -12.84
CA ILE A 496 -39.40 -14.82 -12.37
C ILE A 496 -40.15 -16.03 -12.90
N SER A 497 -39.44 -16.88 -13.64
CA SER A 497 -40.02 -18.08 -14.23
C SER A 497 -39.38 -19.32 -13.61
N SER A 498 -40.17 -20.36 -13.43
CA SER A 498 -39.69 -21.61 -12.83
C SER A 498 -40.21 -22.79 -13.64
N LYS A 499 -39.31 -23.62 -14.14
CA LYS A 499 -39.71 -24.77 -14.93
C LYS A 499 -38.75 -25.95 -14.81
N LYS A 500 -39.30 -27.14 -14.65
CA LYS A 500 -38.48 -28.34 -14.52
C LYS A 500 -38.05 -28.74 -15.93
N VAL A 501 -36.74 -28.73 -16.16
CA VAL A 501 -36.17 -29.11 -17.46
C VAL A 501 -35.21 -30.25 -17.23
N GLY A 502 -35.59 -31.44 -17.68
CA GLY A 502 -34.72 -32.59 -17.48
C GLY A 502 -34.72 -32.93 -16.01
N LYS A 503 -33.54 -33.20 -15.46
CA LYS A 503 -33.42 -33.55 -14.05
C LYS A 503 -33.02 -32.34 -13.20
N ALA A 504 -33.51 -31.16 -13.58
CA ALA A 504 -33.20 -29.94 -12.84
C ALA A 504 -34.33 -28.92 -12.93
N LEU A 505 -34.46 -28.11 -11.88
CA LEU A 505 -35.49 -27.07 -11.84
C LEU A 505 -34.80 -25.78 -12.27
N VAL A 506 -35.27 -25.19 -13.36
CA VAL A 506 -34.69 -23.98 -13.89
C VAL A 506 -35.46 -22.73 -13.46
N VAL A 507 -34.73 -21.71 -13.02
CA VAL A 507 -35.33 -20.46 -12.58
C VAL A 507 -34.71 -19.28 -13.32
N ALA A 508 -35.55 -18.48 -13.97
CA ALA A 508 -35.09 -17.31 -14.70
C ALA A 508 -35.55 -16.06 -13.94
N TRP A 509 -34.73 -15.02 -13.98
CA TRP A 509 -35.05 -13.77 -13.29
C TRP A 509 -34.35 -12.56 -13.89
N ASP A 510 -34.85 -11.37 -13.57
CA ASP A 510 -34.26 -10.12 -14.03
C ASP A 510 -33.74 -9.36 -12.82
N VAL A 511 -32.56 -8.78 -12.95
CA VAL A 511 -31.98 -8.01 -11.87
C VAL A 511 -32.87 -6.83 -11.51
N SER A 512 -32.99 -6.56 -10.21
CA SER A 512 -33.79 -5.46 -9.72
C SER A 512 -33.12 -4.91 -8.47
N THR A 513 -33.38 -3.63 -8.17
CA THR A 513 -32.81 -3.03 -6.97
C THR A 513 -33.52 -3.64 -5.77
N ALA A 514 -34.66 -4.28 -6.01
CA ALA A 514 -35.42 -4.91 -4.95
C ALA A 514 -35.02 -6.38 -4.89
N ARG A 515 -34.66 -6.85 -3.69
CA ARG A 515 -34.26 -8.23 -3.52
C ARG A 515 -35.44 -9.19 -3.66
N ARG A 516 -35.18 -10.36 -4.22
CA ARG A 516 -36.18 -11.41 -4.35
C ARG A 516 -35.49 -12.61 -3.75
N ILE A 517 -36.25 -13.43 -3.03
CA ILE A 517 -35.71 -14.65 -2.46
C ILE A 517 -36.57 -15.77 -3.01
N VAL A 518 -35.93 -16.71 -3.69
CA VAL A 518 -36.62 -17.84 -4.27
C VAL A 518 -36.25 -19.10 -3.52
N GLN A 519 -37.28 -19.76 -3.00
CA GLN A 519 -37.11 -20.99 -2.23
C GLN A 519 -37.20 -22.19 -3.17
N VAL A 520 -36.13 -22.98 -3.21
CA VAL A 520 -36.08 -24.18 -4.04
C VAL A 520 -35.71 -25.30 -3.08
N GLY A 521 -36.72 -26.02 -2.60
CA GLY A 521 -36.45 -27.07 -1.64
C GLY A 521 -35.95 -26.40 -0.38
N SER A 522 -34.89 -26.94 0.21
CA SER A 522 -34.31 -26.39 1.42
C SER A 522 -33.37 -25.21 1.12
N LEU A 523 -33.28 -24.83 -0.15
CA LEU A 523 -32.39 -23.74 -0.55
C LEU A 523 -33.07 -22.39 -0.78
N LYS A 524 -32.58 -21.37 -0.10
CA LYS A 524 -33.10 -20.01 -0.28
C LYS A 524 -32.08 -19.27 -1.15
N VAL A 525 -32.50 -18.85 -2.33
CA VAL A 525 -31.61 -18.15 -3.23
C VAL A 525 -31.91 -16.65 -3.22
N PHE A 526 -30.97 -15.86 -2.70
CA PHE A 526 -31.11 -14.42 -2.66
C PHE A 526 -30.71 -13.87 -4.03
N LEU A 527 -31.62 -13.14 -4.67
CA LEU A 527 -31.38 -12.57 -5.99
C LEU A 527 -31.17 -11.07 -5.83
N LEU A 528 -29.92 -10.64 -6.02
CA LEU A 528 -29.56 -9.23 -5.83
C LEU A 528 -28.97 -8.54 -7.05
N ASP A 529 -28.95 -7.21 -7.00
CA ASP A 529 -28.32 -6.42 -8.04
C ASP A 529 -26.95 -6.17 -7.40
N ARG A 530 -25.94 -5.90 -8.22
CA ARG A 530 -24.60 -5.68 -7.69
C ARG A 530 -24.50 -4.68 -6.54
N ASN A 531 -25.11 -3.51 -6.70
CA ASN A 531 -25.02 -2.48 -5.68
C ASN A 531 -25.63 -2.85 -4.32
N SER A 532 -26.59 -3.77 -4.31
CA SER A 532 -27.15 -4.21 -3.04
C SER A 532 -26.16 -5.20 -2.43
N ALA A 533 -25.57 -6.04 -3.29
CA ALA A 533 -24.59 -7.02 -2.83
C ALA A 533 -23.39 -6.34 -2.20
N TYR A 534 -23.10 -5.12 -2.64
CA TYR A 534 -21.97 -4.34 -2.10
C TYR A 534 -22.11 -4.16 -0.59
N ASN A 535 -23.34 -4.19 -0.09
CA ASN A 535 -23.58 -4.00 1.34
C ASN A 535 -23.64 -5.25 2.19
N TYR A 536 -23.33 -6.40 1.61
CA TYR A 536 -23.35 -7.65 2.36
C TYR A 536 -21.96 -7.99 2.88
N TRP A 537 -21.92 -8.68 4.01
CA TRP A 537 -20.68 -9.09 4.66
C TRP A 537 -20.83 -10.52 5.15
N VAL A 538 -19.71 -11.23 5.27
CA VAL A 538 -19.74 -12.62 5.71
C VAL A 538 -18.74 -12.88 6.83
N PRO A 539 -19.01 -12.33 8.03
CA PRO A 539 -18.10 -12.52 9.16
C PRO A 539 -18.12 -13.94 9.72
N GLN A 540 -16.97 -14.37 10.21
CA GLN A 540 -16.85 -15.69 10.80
C GLN A 540 -17.43 -15.55 12.21
N VAL A 541 -17.89 -16.67 12.77
CA VAL A 541 -18.46 -16.63 14.11
C VAL A 541 -17.86 -17.75 14.95
N PRO A 542 -16.91 -17.41 15.84
CA PRO A 542 -16.27 -18.42 16.68
C PRO A 542 -17.17 -18.83 17.85
N THR A 543 -17.01 -20.07 18.30
CA THR A 543 -17.79 -20.59 19.41
C THR A 543 -17.29 -19.95 20.71
N LYS A 544 -15.98 -19.91 20.86
CA LYS A 544 -15.36 -19.33 22.05
C LYS A 544 -14.47 -18.14 21.69
N GLY A 545 -14.48 -17.12 22.54
CA GLY A 545 -13.67 -15.95 22.29
C GLY A 545 -14.31 -14.95 21.35
N THR A 546 -13.56 -13.92 20.98
CA THR A 546 -14.07 -12.88 20.09
C THR A 546 -13.31 -12.85 18.75
N ALA A 547 -12.16 -13.53 18.70
CA ALA A 547 -11.35 -13.57 17.48
C ALA A 547 -11.97 -14.51 16.46
N PRO A 548 -12.04 -14.09 15.19
CA PRO A 548 -12.64 -14.91 14.12
C PRO A 548 -11.89 -16.20 13.78
N GLY A 549 -10.57 -16.18 13.93
CA GLY A 549 -9.78 -17.35 13.58
C GLY A 549 -9.38 -17.26 12.12
N TYR A 550 -8.36 -18.01 11.71
CA TYR A 550 -7.93 -17.98 10.32
C TYR A 550 -9.03 -18.55 9.43
N SER A 551 -8.91 -18.30 8.13
CA SER A 551 -9.89 -18.81 7.19
C SER A 551 -9.57 -20.25 6.78
N ASN A 552 -10.53 -21.14 6.98
CA ASN A 552 -10.39 -22.54 6.59
C ASN A 552 -11.82 -23.06 6.35
N GLN A 553 -11.96 -24.31 5.94
CA GLN A 553 -13.28 -24.85 5.66
C GLN A 553 -14.24 -24.75 6.84
N GLU A 554 -13.76 -25.07 8.04
CA GLU A 554 -14.58 -25.02 9.24
C GLU A 554 -15.04 -23.60 9.62
N THR A 555 -14.12 -22.64 9.65
CA THR A 555 -14.49 -21.28 10.01
C THR A 555 -15.34 -20.65 8.91
N THR A 556 -15.15 -21.12 7.68
CA THR A 556 -15.94 -20.60 6.56
C THR A 556 -17.38 -21.11 6.70
N ALA A 557 -17.51 -22.37 7.11
CA ALA A 557 -18.83 -22.99 7.27
C ALA A 557 -19.68 -22.38 8.38
N SER A 558 -19.04 -21.93 9.45
CA SER A 558 -19.78 -21.35 10.57
C SER A 558 -19.93 -19.83 10.48
N SER A 559 -19.63 -19.27 9.32
CA SER A 559 -19.76 -17.83 9.12
C SER A 559 -21.24 -17.52 8.89
N ILE A 560 -21.61 -16.26 9.05
CA ILE A 560 -22.99 -15.85 8.83
C ILE A 560 -23.03 -14.75 7.78
N ILE A 561 -24.23 -14.41 7.33
CA ILE A 561 -24.41 -13.38 6.31
C ILE A 561 -25.08 -12.17 6.91
N VAL A 562 -24.41 -11.02 6.82
CA VAL A 562 -24.93 -9.78 7.38
C VAL A 562 -25.04 -8.66 6.37
N LYS A 563 -26.23 -8.10 6.24
CA LYS A 563 -26.40 -6.97 5.33
C LYS A 563 -26.30 -5.75 6.24
N ALA A 564 -25.39 -4.85 5.94
CA ALA A 564 -25.23 -3.66 6.76
C ALA A 564 -24.78 -2.48 5.91
N GLY A 565 -23.80 -1.73 6.40
CA GLY A 565 -23.34 -0.57 5.66
C GLY A 565 -21.86 -0.47 5.38
N TYR A 566 -21.24 0.59 5.90
CA TYR A 566 -19.83 0.88 5.71
C TYR A 566 -18.87 -0.28 5.97
N LEU A 567 -19.08 -0.99 7.07
CA LEU A 567 -18.20 -2.11 7.42
C LEU A 567 -18.72 -3.03 8.50
N VAL A 568 -18.38 -4.30 8.39
CA VAL A 568 -18.71 -5.29 9.40
C VAL A 568 -17.36 -5.94 9.66
N ARG A 569 -16.83 -5.72 10.86
CA ARG A 569 -15.52 -6.23 11.24
C ARG A 569 -15.50 -7.67 11.73
N SER A 570 -16.42 -8.01 12.62
CA SER A 570 -16.45 -9.34 13.17
C SER A 570 -17.77 -9.65 13.86
N ALA A 571 -17.89 -10.88 14.34
CA ALA A 571 -19.07 -11.34 15.02
C ALA A 571 -18.68 -12.49 15.92
N TYR A 572 -19.41 -12.67 17.01
CA TYR A 572 -19.13 -13.76 17.92
C TYR A 572 -20.35 -13.99 18.80
N LEU A 573 -20.51 -15.23 19.25
CA LEU A 573 -21.64 -15.58 20.09
C LEU A 573 -21.20 -15.71 21.54
N ASP A 574 -21.83 -14.92 22.40
CA ASP A 574 -21.52 -14.97 23.82
C ASP A 574 -22.82 -15.30 24.56
N GLY A 575 -22.99 -16.57 24.90
CA GLY A 575 -24.20 -16.99 25.57
C GLY A 575 -25.32 -16.94 24.54
N ASN A 576 -26.36 -16.17 24.82
CA ASN A 576 -27.46 -16.06 23.87
C ASN A 576 -27.39 -14.74 23.11
N ASP A 577 -26.26 -14.03 23.25
CA ASP A 577 -26.09 -12.76 22.57
C ASP A 577 -25.17 -12.88 21.36
N LEU A 578 -25.68 -12.49 20.20
CA LEU A 578 -24.88 -12.51 18.99
C LEU A 578 -24.28 -11.11 18.88
N HIS A 579 -22.96 -11.02 18.98
CA HIS A 579 -22.28 -9.73 18.91
C HIS A 579 -21.75 -9.46 17.51
N ILE A 580 -22.04 -8.28 17.00
CA ILE A 580 -21.54 -7.87 15.69
C ILE A 580 -20.81 -6.55 15.85
N GLN A 581 -19.56 -6.52 15.40
CA GLN A 581 -18.74 -5.32 15.46
C GLN A 581 -18.75 -4.71 14.07
N ALA A 582 -19.20 -3.46 13.98
CA ALA A 582 -19.31 -2.80 12.69
C ALA A 582 -19.08 -1.29 12.76
N ASP A 583 -18.89 -0.68 11.59
CA ASP A 583 -18.70 0.76 11.47
C ASP A 583 -19.80 1.31 10.58
N PHE A 584 -20.22 2.54 10.85
CA PHE A 584 -21.30 3.17 10.10
C PHE A 584 -20.98 4.61 9.72
N ASN A 585 -21.38 5.00 8.53
CA ASN A 585 -21.15 6.37 8.08
C ASN A 585 -22.47 6.98 7.60
N ALA A 586 -23.57 6.33 8.00
CA ALA A 586 -24.92 6.76 7.65
C ALA A 586 -25.92 5.82 8.34
N THR A 587 -27.18 6.23 8.39
CA THR A 587 -28.21 5.39 9.01
C THR A 587 -28.13 4.07 8.26
N THR A 588 -28.05 2.96 8.99
CA THR A 588 -27.87 1.67 8.35
C THR A 588 -28.83 0.54 8.70
N PRO A 589 -29.61 0.06 7.72
CA PRO A 589 -30.53 -1.04 7.98
C PRO A 589 -29.66 -2.27 8.19
N ILE A 590 -30.03 -3.13 9.15
CA ILE A 590 -29.25 -4.33 9.43
C ILE A 590 -30.07 -5.60 9.21
N GLU A 591 -29.42 -6.62 8.67
CA GLU A 591 -30.05 -7.92 8.45
C GLU A 591 -29.03 -9.01 8.78
N VAL A 592 -29.46 -10.00 9.54
CA VAL A 592 -28.59 -11.11 9.89
C VAL A 592 -29.22 -12.41 9.43
N VAL A 593 -28.53 -13.11 8.53
CA VAL A 593 -29.01 -14.37 7.99
C VAL A 593 -28.16 -15.48 8.57
N GLY A 594 -28.81 -16.44 9.24
CA GLY A 594 -28.07 -17.56 9.80
C GLY A 594 -27.61 -17.40 11.24
N ALA A 595 -28.32 -16.61 12.02
CA ALA A 595 -27.94 -16.43 13.42
C ALA A 595 -27.94 -17.81 14.05
N PRO A 596 -26.90 -18.13 14.85
CA PRO A 596 -26.80 -19.43 15.52
C PRO A 596 -28.06 -19.77 16.31
N SER A 597 -28.35 -21.06 16.44
CA SER A 597 -29.54 -21.51 17.17
C SER A 597 -29.61 -20.96 18.60
N GLY A 598 -28.46 -20.90 19.26
CA GLY A 598 -28.44 -20.40 20.63
C GLY A 598 -28.58 -18.89 20.76
N ALA A 599 -28.48 -18.19 19.64
CA ALA A 599 -28.58 -16.73 19.64
C ALA A 599 -30.02 -16.24 19.79
N LYS A 600 -30.25 -15.39 20.79
CA LYS A 600 -31.57 -14.85 21.04
C LYS A 600 -31.59 -13.33 20.89
N ASN A 601 -30.47 -12.68 21.22
CA ASN A 601 -30.37 -11.23 21.15
C ASN A 601 -29.27 -10.76 20.21
N LEU A 602 -29.42 -9.54 19.69
CA LEU A 602 -28.44 -8.96 18.80
C LEU A 602 -27.79 -7.77 19.50
N VAL A 603 -26.47 -7.80 19.60
CA VAL A 603 -25.72 -6.72 20.22
C VAL A 603 -24.75 -6.15 19.19
N ILE A 604 -24.91 -4.87 18.87
CA ILE A 604 -24.05 -4.22 17.90
C ILE A 604 -23.16 -3.20 18.60
N ASN A 605 -21.85 -3.41 18.48
CA ASN A 605 -20.88 -2.52 19.11
C ASN A 605 -21.17 -2.36 20.60
N GLY A 606 -21.49 -3.48 21.25
CA GLY A 606 -21.75 -3.47 22.68
C GLY A 606 -23.13 -2.98 23.11
N LYS A 607 -23.97 -2.60 22.15
CA LYS A 607 -25.30 -2.10 22.49
C LYS A 607 -26.43 -3.04 22.09
N LYS A 608 -27.24 -3.45 23.06
CA LYS A 608 -28.37 -4.34 22.78
C LYS A 608 -29.23 -3.62 21.75
N THR A 609 -29.58 -4.32 20.68
CA THR A 609 -30.35 -3.71 19.61
C THR A 609 -31.70 -4.39 19.36
N GLN A 610 -32.73 -3.57 19.16
CA GLN A 610 -34.07 -4.07 18.92
C GLN A 610 -34.13 -4.77 17.57
N THR A 611 -34.54 -6.04 17.58
CA THR A 611 -34.61 -6.81 16.35
C THR A 611 -35.95 -7.50 16.16
N LYS A 612 -36.28 -7.76 14.90
CA LYS A 612 -37.51 -8.45 14.54
C LYS A 612 -37.14 -9.57 13.59
N VAL A 613 -37.94 -10.64 13.60
CA VAL A 613 -37.68 -11.78 12.73
C VAL A 613 -38.89 -12.05 11.83
N ASP A 614 -38.45 -12.24 10.57
CA ASP A 614 -39.32 -12.42 9.38
C ASP A 614 -39.57 -13.84 8.94
N LYS A 615 -40.45 -14.03 7.96
CA LYS A 615 -40.80 -15.38 7.53
C LYS A 615 -39.59 -16.23 7.15
N ASN A 616 -38.56 -15.61 6.60
CA ASN A 616 -37.38 -16.36 6.21
C ASN A 616 -36.33 -16.52 7.31
N GLY A 617 -36.71 -16.15 8.52
CA GLY A 617 -35.79 -16.29 9.64
C GLY A 617 -34.72 -15.21 9.70
N ILE A 618 -34.86 -14.18 8.89
CA ILE A 618 -33.90 -13.09 8.86
C ILE A 618 -34.12 -12.08 9.99
N TRP A 619 -33.07 -11.80 10.74
CA TRP A 619 -33.13 -10.83 11.83
C TRP A 619 -32.96 -9.44 11.21
N SER A 620 -33.79 -8.49 11.62
CA SER A 620 -33.67 -7.15 11.09
C SER A 620 -33.60 -6.11 12.20
N ALA A 621 -32.85 -5.06 11.95
CA ALA A 621 -32.68 -3.97 12.91
C ALA A 621 -32.16 -2.78 12.13
N SER A 622 -31.85 -1.70 12.83
CA SER A 622 -31.34 -0.49 12.19
C SER A 622 -30.42 0.24 13.14
N VAL A 623 -29.34 0.79 12.62
CA VAL A 623 -28.40 1.55 13.43
C VAL A 623 -28.46 2.99 12.95
N ALA A 624 -28.79 3.89 13.86
CA ALA A 624 -28.89 5.31 13.54
C ALA A 624 -27.53 5.98 13.52
N TYR A 625 -27.38 6.95 12.64
CA TYR A 625 -26.14 7.70 12.53
C TYR A 625 -26.46 9.19 12.53
N THR A 626 -25.73 9.93 13.37
CA THR A 626 -25.91 11.37 13.46
C THR A 626 -24.53 12.01 13.45
N ALA A 627 -24.19 12.69 12.36
CA ALA A 627 -22.89 13.35 12.23
C ALA A 627 -22.60 14.17 13.47
N PRO A 628 -21.54 13.82 14.21
CA PRO A 628 -21.16 14.56 15.42
C PRO A 628 -20.41 15.83 15.08
N LYS A 629 -20.36 16.75 16.04
CA LYS A 629 -19.65 18.01 15.85
C LYS A 629 -18.16 17.74 16.00
N VAL A 630 -17.38 18.17 15.01
CA VAL A 630 -15.94 17.98 15.07
C VAL A 630 -15.28 19.36 15.12
N GLN A 631 -14.85 19.74 16.31
CA GLN A 631 -14.22 21.05 16.53
C GLN A 631 -12.73 20.99 16.25
N LEU A 632 -12.30 21.72 15.23
CA LEU A 632 -10.89 21.75 14.86
C LEU A 632 -10.37 23.17 14.97
N PRO A 633 -9.07 23.32 15.22
CA PRO A 633 -8.51 24.67 15.34
C PRO A 633 -8.44 25.35 13.97
N SER A 634 -8.42 26.68 14.00
CA SER A 634 -8.28 27.48 12.79
C SER A 634 -6.77 27.76 12.85
N LEU A 635 -5.99 27.05 12.04
CA LEU A 635 -4.55 27.23 12.08
C LEU A 635 -4.07 28.67 11.96
N LYS A 636 -4.71 29.45 11.10
CA LYS A 636 -4.32 30.85 10.92
C LYS A 636 -4.54 31.68 12.18
N SER A 637 -5.45 31.23 13.04
CA SER A 637 -5.75 31.96 14.27
C SER A 637 -4.97 31.52 15.49
N LEU A 638 -4.14 30.48 15.33
CA LEU A 638 -3.35 29.99 16.46
C LEU A 638 -2.20 30.95 16.74
N LYS A 639 -1.59 30.80 17.91
CA LYS A 639 -0.46 31.64 18.31
C LYS A 639 0.81 30.98 17.81
N TRP A 640 1.47 31.60 16.83
CA TRP A 640 2.69 31.05 16.26
C TRP A 640 3.96 31.72 16.75
N LYS A 641 5.03 30.92 16.86
CA LYS A 641 6.33 31.42 17.26
C LYS A 641 7.26 30.97 16.14
N SER A 642 8.26 31.77 15.80
CA SER A 642 9.17 31.40 14.74
C SER A 642 10.62 31.78 15.04
N VAL A 643 11.53 31.11 14.33
CA VAL A 643 12.94 31.36 14.48
C VAL A 643 13.61 31.15 13.13
N ASP A 644 14.67 31.91 12.88
CA ASP A 644 15.44 31.82 11.65
C ASP A 644 16.14 30.46 11.68
N THR A 645 15.91 29.62 10.68
CA THR A 645 16.59 28.33 10.69
C THR A 645 17.70 28.26 9.66
N LEU A 646 18.25 29.41 9.33
CA LEU A 646 19.40 29.49 8.43
C LEU A 646 20.38 30.47 9.08
N PRO A 647 20.77 30.19 10.34
CA PRO A 647 21.71 31.07 11.03
C PRO A 647 23.07 31.05 10.32
N GLU A 648 23.25 30.07 9.44
CA GLU A 648 24.49 29.93 8.69
C GLU A 648 24.72 31.14 7.80
N ALA A 649 23.64 31.84 7.46
CA ALA A 649 23.72 33.02 6.60
C ALA A 649 24.11 34.29 7.37
N LYS A 650 24.70 34.11 8.56
CA LYS A 650 25.14 35.24 9.38
C LYS A 650 26.63 35.10 9.63
N ASN A 651 27.35 36.23 9.60
CA ASN A 651 28.78 36.21 9.82
C ASN A 651 29.19 35.71 11.19
N THR A 652 28.24 35.68 12.12
CA THR A 652 28.52 35.21 13.47
C THR A 652 28.45 33.69 13.60
N TYR A 653 27.99 33.00 12.56
CA TYR A 653 27.87 31.54 12.63
C TYR A 653 29.18 30.80 12.74
N ASP A 654 29.24 29.89 13.70
CA ASP A 654 30.43 29.07 13.95
C ASP A 654 30.15 27.62 13.56
N ASP A 655 30.82 27.15 12.51
CA ASP A 655 30.63 25.79 12.03
C ASP A 655 31.78 24.86 12.40
N SER A 656 32.53 25.21 13.43
CA SER A 656 33.67 24.40 13.85
C SER A 656 33.31 22.96 14.23
N ALA A 657 32.07 22.75 14.68
CA ALA A 657 31.62 21.41 15.07
C ALA A 657 31.11 20.59 13.88
N TRP A 658 30.99 21.22 12.72
CA TRP A 658 30.53 20.52 11.53
C TRP A 658 31.57 19.50 11.10
N THR A 659 31.14 18.52 10.31
CA THR A 659 32.03 17.49 9.81
C THR A 659 32.88 18.11 8.70
N SER A 660 34.18 17.85 8.72
CA SER A 660 35.07 18.37 7.70
C SER A 660 34.95 17.47 6.48
N ALA A 661 34.54 18.03 5.34
CA ALA A 661 34.43 17.25 4.12
C ALA A 661 35.83 17.24 3.53
N ASP A 662 36.74 16.52 4.19
CA ASP A 662 38.13 16.47 3.77
C ASP A 662 38.66 15.15 3.24
N HIS A 663 37.78 14.23 2.87
CA HIS A 663 38.24 12.96 2.32
C HIS A 663 38.72 13.15 0.88
N ALA A 664 40.00 12.86 0.64
CA ALA A 664 40.55 12.99 -0.71
C ALA A 664 40.23 11.72 -1.48
N TYR A 665 39.06 11.16 -1.20
CA TYR A 665 38.60 9.94 -1.84
C TYR A 665 37.11 9.77 -1.56
N THR A 666 36.47 8.90 -2.32
CA THR A 666 35.06 8.60 -2.10
C THR A 666 34.94 7.09 -1.93
N ASN A 667 33.91 6.66 -1.20
CA ASN A 667 33.69 5.24 -1.01
C ASN A 667 32.58 4.79 -1.96
N ASN A 668 32.13 5.72 -2.80
CA ASN A 668 31.10 5.43 -3.78
C ASN A 668 31.77 4.73 -4.96
N SER A 669 31.58 3.43 -5.06
CA SER A 669 32.18 2.63 -6.12
C SER A 669 31.60 2.88 -7.51
N ALA A 670 30.47 3.58 -7.57
CA ALA A 670 29.85 3.84 -8.86
C ALA A 670 30.09 5.25 -9.40
N HIS A 671 30.67 6.13 -8.59
CA HIS A 671 30.93 7.50 -9.04
C HIS A 671 32.24 8.07 -8.53
N SER A 672 33.15 8.35 -9.46
CA SER A 672 34.45 8.92 -9.12
C SER A 672 34.29 10.40 -8.81
N LEU A 673 35.15 10.93 -7.95
CA LEU A 673 35.10 12.34 -7.58
C LEU A 673 35.55 13.27 -8.68
N GLN A 674 34.95 14.46 -8.71
CA GLN A 674 35.29 15.49 -9.67
C GLN A 674 35.75 16.75 -8.92
N THR A 675 35.82 16.62 -7.60
CA THR A 675 36.24 17.71 -6.71
C THR A 675 37.43 17.21 -5.89
N PRO A 676 38.21 18.15 -5.31
CA PRO A 676 39.39 17.80 -4.49
C PRO A 676 39.09 16.80 -3.38
N THR A 677 37.97 17.00 -2.69
CA THR A 677 37.56 16.10 -1.63
C THR A 677 36.12 15.69 -1.90
N SER A 678 35.69 14.60 -1.28
CA SER A 678 34.33 14.15 -1.49
C SER A 678 33.30 15.10 -0.91
N LEU A 679 32.31 15.42 -1.72
CA LEU A 679 31.21 16.28 -1.26
C LEU A 679 29.91 15.49 -1.44
N PHE A 680 30.03 14.16 -1.37
CA PHE A 680 28.89 13.25 -1.44
C PHE A 680 28.51 13.05 0.03
N ALA A 681 27.32 13.49 0.44
CA ALA A 681 26.91 13.39 1.84
C ALA A 681 27.01 12.01 2.47
N SER A 682 26.70 10.96 1.72
CA SER A 682 26.75 9.60 2.27
C SER A 682 28.15 9.15 2.65
N ASP A 683 29.18 9.75 2.06
CA ASP A 683 30.56 9.39 2.41
C ASP A 683 30.84 9.80 3.85
N TYR A 684 30.01 10.71 4.37
CA TYR A 684 30.18 11.21 5.72
C TYR A 684 29.04 10.81 6.66
N GLY A 685 28.19 9.90 6.20
CA GLY A 685 27.09 9.42 7.04
C GLY A 685 25.79 10.22 7.05
N TYR A 686 25.64 11.15 6.12
CA TYR A 686 24.42 11.96 6.05
C TYR A 686 23.60 11.50 4.85
N HIS A 687 22.48 10.83 5.11
CA HIS A 687 21.67 10.27 4.04
C HIS A 687 20.24 10.78 3.92
N THR A 688 19.81 11.64 4.84
CA THR A 688 18.43 12.07 4.82
C THR A 688 18.16 13.55 5.09
N GLY A 689 17.12 14.07 4.43
CA GLY A 689 16.73 15.46 4.63
C GLY A 689 17.69 16.51 4.12
N ALA A 690 17.45 17.76 4.51
CA ALA A 690 18.28 18.88 4.08
C ALA A 690 19.76 18.69 4.39
N LEU A 691 20.59 18.99 3.42
CA LEU A 691 22.04 18.89 3.55
C LEU A 691 22.62 20.28 3.34
N LEU A 692 23.63 20.63 4.15
CA LEU A 692 24.27 21.93 4.02
C LEU A 692 25.77 21.78 3.87
N PHE A 693 26.33 22.57 2.97
CA PHE A 693 27.76 22.58 2.69
C PHE A 693 28.26 24.02 2.84
N ARG A 694 29.40 24.18 3.49
CA ARG A 694 29.99 25.50 3.67
C ARG A 694 31.43 25.46 3.19
N GLY A 695 31.70 26.20 2.12
CA GLY A 695 33.03 26.24 1.55
C GLY A 695 33.78 27.50 1.92
N HIS A 696 34.83 27.33 2.72
CA HIS A 696 35.65 28.44 3.19
C HIS A 696 36.85 28.70 2.28
N PHE A 697 37.12 29.98 2.03
CA PHE A 697 38.26 30.36 1.21
C PHE A 697 38.66 31.81 1.45
N THR A 698 39.89 32.13 1.10
CA THR A 698 40.41 33.49 1.22
C THR A 698 40.41 34.04 -0.20
N ALA A 699 39.64 35.11 -0.40
CA ALA A 699 39.52 35.71 -1.73
C ALA A 699 40.85 36.29 -2.24
N ASN A 700 41.00 36.30 -3.56
CA ASN A 700 42.20 36.89 -4.17
C ASN A 700 41.76 38.08 -5.02
N GLY A 701 40.48 38.39 -4.96
CA GLY A 701 39.94 39.51 -5.70
C GLY A 701 39.68 39.27 -7.18
N LYS A 702 40.02 38.08 -7.67
CA LYS A 702 39.81 37.77 -9.07
C LYS A 702 38.53 36.98 -9.33
N GLU A 703 37.82 36.64 -8.25
CA GLU A 703 36.59 35.88 -8.39
C GLU A 703 35.51 36.65 -9.14
N LYS A 704 34.74 35.94 -9.96
CA LYS A 704 33.66 36.55 -10.74
C LYS A 704 32.44 35.64 -10.73
N THR A 705 32.67 34.35 -10.87
CA THR A 705 31.57 33.39 -10.87
C THR A 705 31.86 32.15 -10.05
N PHE A 706 30.79 31.47 -9.67
CA PHE A 706 30.89 30.23 -8.92
C PHE A 706 30.00 29.24 -9.66
N PHE A 707 30.63 28.26 -10.29
CA PHE A 707 29.90 27.22 -11.00
C PHE A 707 29.74 26.07 -10.03
N VAL A 708 28.58 25.42 -10.07
CA VAL A 708 28.35 24.29 -9.18
C VAL A 708 27.29 23.36 -9.75
N GLN A 709 27.50 22.06 -9.52
CA GLN A 709 26.52 21.07 -9.91
C GLN A 709 26.13 20.39 -8.62
N THR A 710 24.85 20.47 -8.29
CA THR A 710 24.32 19.85 -7.09
C THR A 710 23.43 18.69 -7.50
N LYS A 711 23.17 17.78 -6.58
CA LYS A 711 22.32 16.63 -6.86
C LYS A 711 21.58 16.27 -5.58
N GLY A 712 20.25 16.26 -5.65
CA GLY A 712 19.48 15.93 -4.46
C GLY A 712 18.33 14.98 -4.71
N GLY A 713 18.26 14.44 -5.92
CA GLY A 713 17.17 13.53 -6.25
C GLY A 713 16.07 14.30 -6.97
N THR A 714 15.24 13.58 -7.71
CA THR A 714 14.14 14.20 -8.46
C THR A 714 13.32 15.18 -7.61
N ALA A 715 13.08 16.37 -8.18
CA ALA A 715 12.31 17.42 -7.52
C ALA A 715 13.02 18.16 -6.39
N TYR A 716 14.31 17.91 -6.21
CA TYR A 716 15.04 18.60 -5.15
C TYR A 716 15.26 20.05 -5.56
N GLY A 717 15.83 20.84 -4.65
CA GLY A 717 16.14 22.23 -4.93
C GLY A 717 17.32 22.63 -4.07
N HIS A 718 17.96 23.75 -4.38
CA HIS A 718 19.08 24.22 -3.57
C HIS A 718 19.07 25.74 -3.50
N SER A 719 19.75 26.30 -2.50
CA SER A 719 19.84 27.74 -2.33
C SER A 719 21.26 28.03 -1.86
N ILE A 720 21.82 29.13 -2.36
CA ILE A 720 23.19 29.50 -2.05
C ILE A 720 23.36 30.94 -1.56
N TRP A 721 24.28 31.09 -0.60
CA TRP A 721 24.63 32.39 -0.02
C TRP A 721 26.15 32.44 0.07
N ILE A 722 26.72 33.64 0.00
CA ILE A 722 28.15 33.81 0.19
C ILE A 722 28.15 34.77 1.39
N ASN A 723 28.53 34.25 2.54
CA ASN A 723 28.48 35.00 3.79
C ASN A 723 27.00 35.36 3.97
N GLU A 724 26.65 36.63 4.12
CA GLU A 724 25.24 36.98 4.30
C GLU A 724 24.52 37.35 3.02
N THR A 725 25.23 37.32 1.90
CA THR A 725 24.64 37.71 0.63
C THR A 725 24.05 36.55 -0.17
N TYR A 726 22.77 36.70 -0.52
CA TYR A 726 22.08 35.69 -1.31
C TYR A 726 22.70 35.64 -2.69
N VAL A 727 22.93 34.42 -3.18
CA VAL A 727 23.51 34.24 -4.51
C VAL A 727 22.44 33.76 -5.49
N GLY A 728 21.71 32.71 -5.12
CA GLY A 728 20.68 32.21 -6.01
C GLY A 728 20.08 30.88 -5.57
N SER A 729 19.05 30.44 -6.28
CA SER A 729 18.38 29.17 -5.97
C SER A 729 18.01 28.40 -7.21
N TRP A 730 17.98 27.08 -7.07
CA TRP A 730 17.51 26.19 -8.12
C TRP A 730 16.23 25.70 -7.44
N ALA A 731 15.07 26.17 -7.91
CA ALA A 731 13.80 25.79 -7.31
C ALA A 731 13.35 24.36 -7.63
N GLY A 732 14.02 23.74 -8.60
CA GLY A 732 13.72 22.38 -8.98
C GLY A 732 12.53 22.16 -9.90
N THR A 733 12.44 20.96 -10.46
CA THR A 733 11.32 20.59 -11.33
C THR A 733 11.09 19.10 -11.16
N SER A 734 9.97 18.63 -11.72
CA SER A 734 9.61 17.23 -11.62
C SER A 734 10.49 16.29 -12.46
N ILE A 735 11.36 16.83 -13.30
CA ILE A 735 12.22 15.97 -14.11
C ILE A 735 13.72 16.15 -13.89
N ASN A 736 14.10 16.90 -12.87
CA ASN A 736 15.52 17.13 -12.60
C ASN A 736 15.94 16.58 -11.24
N ASP A 737 17.01 15.78 -11.22
CA ASP A 737 17.53 15.26 -9.95
C ASP A 737 18.87 15.94 -9.65
N ASN A 738 19.36 16.72 -10.61
CA ASN A 738 20.61 17.47 -10.45
C ASN A 738 20.53 18.74 -11.30
N ASN A 739 21.42 19.69 -11.06
CA ASN A 739 21.39 20.96 -11.79
C ASN A 739 22.79 21.58 -11.90
N ASN A 740 23.09 22.13 -13.07
CA ASN A 740 24.37 22.80 -13.32
C ASN A 740 24.08 24.29 -13.41
N ALA A 741 24.81 25.10 -12.67
CA ALA A 741 24.57 26.53 -12.72
C ALA A 741 25.84 27.34 -12.48
N THR A 742 25.97 28.43 -13.24
CA THR A 742 27.11 29.32 -13.09
C THR A 742 26.54 30.61 -12.53
N TYR A 743 26.89 30.90 -11.29
CA TYR A 743 26.40 32.09 -10.61
C TYR A 743 27.45 33.20 -10.59
N THR A 744 27.02 34.43 -10.85
CA THR A 744 27.94 35.54 -10.77
C THR A 744 27.98 35.88 -9.28
N LEU A 745 29.07 36.49 -8.85
CA LEU A 745 29.23 36.85 -7.45
C LEU A 745 29.53 38.33 -7.30
N PRO A 746 29.25 38.91 -6.12
CA PRO A 746 29.56 40.32 -5.94
C PRO A 746 31.08 40.37 -5.87
N THR A 747 31.69 41.54 -6.05
CA THR A 747 33.15 41.62 -6.00
C THR A 747 33.65 41.28 -4.61
N LEU A 748 34.74 40.51 -4.55
CA LEU A 748 35.32 40.12 -3.27
C LEU A 748 36.65 40.83 -3.01
N GLN A 749 36.94 41.06 -1.73
CA GLN A 749 38.17 41.73 -1.34
C GLN A 749 39.30 40.74 -1.11
N SER A 750 40.39 40.90 -1.85
CA SER A 750 41.55 40.03 -1.71
C SER A 750 42.01 40.01 -0.26
N GLY A 751 42.39 38.83 0.22
CA GLY A 751 42.86 38.72 1.59
C GLY A 751 41.78 38.50 2.64
N LYS A 752 40.52 38.72 2.28
CA LYS A 752 39.44 38.50 3.24
C LYS A 752 38.83 37.12 3.09
N ASN A 753 38.34 36.57 4.21
CA ASN A 753 37.76 35.24 4.21
C ASN A 753 36.26 35.26 3.95
N TYR A 754 35.80 34.32 3.13
CA TYR A 754 34.39 34.21 2.77
C TYR A 754 33.95 32.76 2.91
N VAL A 755 32.64 32.56 2.96
CA VAL A 755 32.10 31.21 3.05
C VAL A 755 30.88 31.11 2.15
N ILE A 756 30.85 30.07 1.32
CA ILE A 756 29.73 29.84 0.44
C ILE A 756 28.88 28.75 1.08
N THR A 757 27.64 29.09 1.41
CA THR A 757 26.74 28.13 2.02
C THR A 757 25.76 27.62 0.99
N VAL A 758 25.74 26.30 0.81
CA VAL A 758 24.84 25.66 -0.14
C VAL A 758 23.88 24.73 0.59
N VAL A 759 22.59 25.04 0.54
CA VAL A 759 21.58 24.22 1.18
C VAL A 759 20.92 23.39 0.11
N ILE A 760 20.93 22.07 0.29
CA ILE A 760 20.37 21.15 -0.69
C ILE A 760 19.26 20.27 -0.13
N ASP A 761 18.11 20.27 -0.76
CA ASP A 761 17.01 19.43 -0.30
C ASP A 761 17.35 18.02 -0.81
N ASN A 762 17.16 17.02 0.05
CA ASN A 762 17.42 15.63 -0.33
C ASN A 762 16.05 14.98 -0.37
N MET A 763 15.67 14.46 -1.54
CA MET A 763 14.34 13.85 -1.69
C MET A 763 14.34 12.35 -1.44
N GLY A 764 15.45 11.84 -0.93
CA GLY A 764 15.58 10.43 -0.66
C GLY A 764 16.61 9.80 -1.58
N LEU A 765 16.99 8.55 -1.30
CA LEU A 765 17.95 7.86 -2.15
C LEU A 765 17.16 7.04 -3.17
N ASP A 766 17.72 6.90 -4.38
CA ASP A 766 17.04 6.17 -5.44
C ASP A 766 17.04 4.66 -5.25
N GLU A 767 16.16 4.00 -5.99
CA GLU A 767 16.06 2.55 -5.96
C GLU A 767 17.17 1.98 -6.83
N ASP A 768 17.29 0.65 -6.84
CA ASP A 768 18.30 -0.05 -7.65
C ASP A 768 17.56 -1.21 -8.33
N TRP A 769 16.48 -0.89 -9.02
CA TRP A 769 15.65 -1.89 -9.68
C TRP A 769 16.38 -2.80 -10.66
N THR A 770 17.22 -2.22 -11.51
CA THR A 770 17.99 -3.04 -12.46
C THR A 770 19.38 -3.26 -11.89
N ILE A 771 19.70 -4.52 -11.61
CA ILE A 771 20.99 -4.88 -11.01
C ILE A 771 22.15 -4.49 -11.91
N GLY A 772 23.10 -3.75 -11.33
CA GLY A 772 24.25 -3.29 -12.09
C GLY A 772 24.12 -1.80 -12.38
N SER A 773 22.90 -1.27 -12.30
CA SER A 773 22.69 0.15 -12.56
C SER A 773 23.27 0.98 -11.43
N GLU A 774 23.27 0.39 -10.23
CA GLU A 774 23.80 1.08 -9.04
C GLU A 774 23.11 2.43 -8.84
N ASP A 775 21.87 2.55 -9.29
CA ASP A 775 21.17 3.83 -9.15
C ASP A 775 21.01 4.27 -7.71
N MET A 776 20.94 3.31 -6.78
CA MET A 776 20.80 3.65 -5.38
C MET A 776 22.01 4.44 -4.90
N LYS A 777 23.13 4.29 -5.60
CA LYS A 777 24.34 4.99 -5.24
C LYS A 777 24.43 6.41 -5.83
N ASN A 778 23.34 6.89 -6.43
CA ASN A 778 23.35 8.25 -6.95
C ASN A 778 23.61 9.13 -5.74
N PRO A 779 24.70 9.92 -5.76
CA PRO A 779 25.02 10.78 -4.62
C PRO A 779 24.12 11.99 -4.37
N ARG A 780 24.23 12.51 -3.15
CA ARG A 780 23.49 13.69 -2.72
C ARG A 780 24.54 14.68 -2.23
N GLY A 781 24.56 15.87 -2.82
CA GLY A 781 25.54 16.87 -2.42
C GLY A 781 26.06 17.65 -3.60
N ILE A 782 27.35 18.00 -3.55
CA ILE A 782 27.98 18.76 -4.62
C ILE A 782 28.82 17.84 -5.50
N ILE A 783 28.49 17.80 -6.78
CA ILE A 783 29.18 16.95 -7.75
C ILE A 783 30.35 17.66 -8.42
N GLN A 784 30.17 18.95 -8.68
CA GLN A 784 31.19 19.78 -9.31
C GLN A 784 31.13 21.19 -8.77
N TYR A 785 32.25 21.91 -8.92
CA TYR A 785 32.31 23.30 -8.52
C TYR A 785 33.57 23.94 -9.05
N SER A 786 33.47 25.23 -9.33
CA SER A 786 34.61 25.98 -9.82
C SER A 786 34.43 27.45 -9.47
N LEU A 787 35.37 27.98 -8.71
CA LEU A 787 35.37 29.38 -8.32
C LEU A 787 36.36 30.02 -9.29
N SER A 788 35.88 30.85 -10.20
CA SER A 788 36.75 31.47 -11.18
C SER A 788 37.90 32.23 -10.53
N GLY A 789 39.09 32.10 -11.11
CA GLY A 789 40.26 32.78 -10.59
C GLY A 789 40.91 32.08 -9.41
N GLN A 790 40.38 30.92 -9.02
CA GLN A 790 40.93 30.17 -7.89
C GLN A 790 40.97 28.67 -8.14
N GLU A 791 41.96 28.01 -7.55
CA GLU A 791 42.08 26.55 -7.67
C GLU A 791 40.97 25.97 -6.81
N ALA A 792 40.42 24.83 -7.22
CA ALA A 792 39.35 24.20 -6.44
C ALA A 792 39.77 23.92 -5.01
N SER A 793 41.05 23.57 -4.82
CA SER A 793 41.58 23.27 -3.49
C SER A 793 41.66 24.49 -2.60
N ALA A 794 41.36 25.67 -3.14
CA ALA A 794 41.39 26.90 -2.35
C ALA A 794 40.20 26.93 -1.39
N ILE A 795 39.20 26.11 -1.69
CA ILE A 795 38.01 26.04 -0.85
C ILE A 795 38.04 24.80 0.05
N SER A 796 37.95 25.01 1.35
CA SER A 796 37.94 23.93 2.33
C SER A 796 36.49 23.77 2.78
N TRP A 797 35.95 22.57 2.68
CA TRP A 797 34.55 22.34 3.02
C TRP A 797 34.17 21.66 4.33
N LYS A 798 33.01 22.08 4.83
CA LYS A 798 32.40 21.54 6.03
C LYS A 798 31.01 21.14 5.54
N LEU A 799 30.39 20.13 6.16
CA LEU A 799 29.05 19.75 5.74
C LEU A 799 28.28 19.17 6.91
N THR A 800 26.97 19.15 6.78
CA THR A 800 26.12 18.55 7.80
C THR A 800 24.78 18.11 7.23
N GLY A 801 24.28 17.03 7.79
CA GLY A 801 22.98 16.51 7.45
C GLY A 801 22.34 16.45 8.82
N ASN A 802 21.52 15.43 9.07
CA ASN A 802 20.90 15.29 10.39
C ASN A 802 22.02 15.23 11.42
N LEU A 803 21.81 15.83 12.59
CA LEU A 803 22.82 15.85 13.64
C LEU A 803 23.29 14.45 14.03
N GLY A 804 24.59 14.22 13.94
CA GLY A 804 25.15 12.93 14.30
C GLY A 804 25.27 11.96 13.14
N GLY A 805 24.61 12.26 12.03
CA GLY A 805 24.65 11.38 10.89
C GLY A 805 24.10 10.01 11.21
N GLU A 806 24.90 8.97 10.97
CA GLU A 806 24.47 7.59 11.24
C GLU A 806 24.26 7.35 12.72
N ASN A 807 24.87 8.18 13.55
CA ASN A 807 24.70 8.08 14.99
C ASN A 807 23.59 9.09 15.23
N TYR A 808 22.43 8.84 14.60
CA TYR A 808 21.28 9.74 14.67
C TYR A 808 20.74 9.98 16.08
N ARG A 809 20.19 11.17 16.28
CA ARG A 809 19.69 11.57 17.59
C ARG A 809 18.31 11.10 18.03
N ASP A 810 17.42 10.80 17.08
CA ASP A 810 16.08 10.37 17.45
C ASP A 810 15.89 8.86 17.29
N THR A 811 16.22 8.12 18.34
CA THR A 811 16.10 6.67 18.29
C THR A 811 14.64 6.21 18.23
N VAL A 812 13.74 7.05 18.74
CA VAL A 812 12.31 6.73 18.73
C VAL A 812 11.67 6.90 17.35
N ARG A 813 11.94 8.03 16.70
CA ARG A 813 11.35 8.29 15.40
C ARG A 813 12.12 7.73 14.20
N GLY A 814 13.30 7.18 14.44
CA GLY A 814 14.06 6.59 13.36
C GLY A 814 15.17 7.41 12.75
N PRO A 815 16.01 6.78 11.92
CA PRO A 815 17.16 7.38 11.24
C PRO A 815 16.86 8.37 10.11
N LEU A 816 15.64 8.35 9.58
CA LEU A 816 15.32 9.21 8.45
C LEU A 816 14.45 10.44 8.74
N ASN A 817 13.68 10.39 9.83
CA ASN A 817 12.76 11.46 10.19
C ASN A 817 13.23 12.90 10.11
N GLU A 818 14.37 13.22 10.72
CA GLU A 818 14.86 14.60 10.72
C GLU A 818 16.01 14.87 9.76
N GLY A 819 15.99 16.06 9.16
CA GLY A 819 17.02 16.47 8.23
C GLY A 819 18.09 17.31 8.89
N GLY A 820 18.87 18.03 8.08
CA GLY A 820 19.95 18.84 8.61
C GLY A 820 19.72 20.33 8.85
N LEU A 821 18.48 20.79 8.77
CA LEU A 821 18.23 22.21 9.02
C LEU A 821 18.50 22.49 10.50
N TYR A 822 19.02 23.69 10.78
CA TYR A 822 19.33 24.10 12.15
C TYR A 822 18.25 23.73 13.16
N ALA A 823 17.00 24.08 12.87
CA ALA A 823 15.90 23.78 13.80
C ALA A 823 15.74 22.29 14.03
N GLU A 824 16.03 21.49 13.01
CA GLU A 824 15.91 20.04 13.13
C GLU A 824 17.08 19.50 13.96
N ARG A 825 18.29 19.98 13.69
CA ARG A 825 19.47 19.55 14.42
C ARG A 825 19.29 19.83 15.91
N GLN A 826 18.60 20.93 16.22
CA GLN A 826 18.36 21.33 17.60
C GLN A 826 17.20 20.54 18.23
N GLY A 827 16.40 19.89 17.39
CA GLY A 827 15.27 19.13 17.90
C GLY A 827 14.04 19.99 18.14
N PHE A 828 14.02 21.18 17.54
CA PHE A 828 12.89 22.12 17.72
C PHE A 828 11.58 21.66 17.09
N HIS A 829 11.63 20.60 16.28
CA HIS A 829 10.44 20.07 15.63
C HIS A 829 9.63 19.18 16.56
N GLN A 830 10.16 18.95 17.76
CA GLN A 830 9.49 18.10 18.74
C GLN A 830 8.56 18.87 19.67
N PRO A 831 7.68 18.15 20.39
CA PRO A 831 6.74 18.80 21.31
C PRO A 831 7.45 19.71 22.31
N GLN A 832 6.79 20.81 22.65
CA GLN A 832 7.31 21.77 23.61
C GLN A 832 8.70 22.34 23.33
N PRO A 833 8.88 22.97 22.16
CA PRO A 833 10.18 23.55 21.83
C PRO A 833 10.41 24.79 22.71
N PRO A 834 11.66 25.25 22.85
CA PRO A 834 12.01 26.41 23.67
C PRO A 834 11.74 27.73 22.92
N THR A 835 10.47 28.10 22.82
CA THR A 835 10.06 29.29 22.09
C THR A 835 9.97 30.61 22.87
N GLN A 836 10.38 30.60 24.13
CA GLN A 836 10.34 31.80 24.96
C GLN A 836 10.91 33.06 24.27
N LYS A 837 12.10 32.93 23.70
CA LYS A 837 12.74 34.06 23.02
C LYS A 837 12.50 34.15 21.52
N TRP A 838 11.66 33.27 21.00
CA TRP A 838 11.35 33.28 19.57
C TRP A 838 10.46 34.47 19.21
N ASP A 839 10.38 34.79 17.92
CA ASP A 839 9.55 35.89 17.46
C ASP A 839 8.11 35.39 17.38
N SER A 840 7.16 36.31 17.44
CA SER A 840 5.76 35.96 17.33
C SER A 840 5.36 36.26 15.89
N SER A 841 5.71 35.36 14.99
CA SER A 841 5.41 35.51 13.57
C SER A 841 4.90 34.18 13.06
N SER A 842 3.93 34.21 12.15
CA SER A 842 3.37 32.97 11.62
C SER A 842 3.75 32.73 10.16
N PRO A 843 3.53 31.51 9.66
CA PRO A 843 3.86 31.17 8.27
C PRO A 843 2.95 31.91 7.29
N PHE A 844 1.90 32.53 7.81
CA PHE A 844 0.97 33.30 6.99
C PHE A 844 1.59 34.66 6.69
N THR A 845 2.59 35.03 7.47
CA THR A 845 3.33 36.27 7.26
C THR A 845 4.55 35.85 6.43
N GLY A 846 5.16 34.74 6.84
CA GLY A 846 6.30 34.20 6.13
C GLY A 846 7.55 35.05 6.00
N LEU A 847 8.25 34.87 4.88
CA LEU A 847 9.48 35.60 4.60
C LEU A 847 9.29 36.58 3.45
N THR A 848 10.03 37.68 3.50
CA THR A 848 9.95 38.69 2.46
C THR A 848 11.22 38.67 1.62
N LYS A 849 11.96 37.56 1.71
CA LYS A 849 13.19 37.40 0.96
C LYS A 849 13.58 35.93 1.02
N PRO A 850 14.58 35.51 0.22
CA PRO A 850 14.98 34.11 0.27
C PRO A 850 15.52 33.77 1.65
N GLY A 851 15.25 32.56 2.12
CA GLY A 851 15.71 32.15 3.43
C GLY A 851 14.90 30.97 3.92
N ILE A 852 15.10 30.60 5.18
CA ILE A 852 14.35 29.49 5.75
C ILE A 852 14.00 29.81 7.20
N ARG A 853 12.72 29.70 7.53
CA ARG A 853 12.27 29.95 8.89
C ARG A 853 11.54 28.73 9.41
N PHE A 854 11.57 28.57 10.73
CA PHE A 854 10.91 27.43 11.36
C PHE A 854 9.78 27.96 12.25
N TYR A 855 8.60 27.35 12.13
CA TYR A 855 7.45 27.79 12.90
C TYR A 855 6.92 26.75 13.86
N SER A 856 6.34 27.23 14.95
CA SER A 856 5.77 26.36 15.96
C SER A 856 4.50 26.91 16.58
N THR A 857 3.58 26.01 16.90
CA THR A 857 2.32 26.36 17.55
C THR A 857 1.78 25.08 18.13
N SER A 858 0.73 25.18 18.92
CA SER A 858 0.11 24.01 19.52
C SER A 858 -1.39 24.22 19.55
N PHE A 859 -2.13 23.13 19.70
CA PHE A 859 -3.57 23.20 19.76
C PHE A 859 -4.08 21.93 20.41
N ASP A 860 -5.19 22.03 21.13
CA ASP A 860 -5.76 20.88 21.78
C ASP A 860 -6.91 20.33 20.97
N LEU A 861 -7.10 19.02 21.03
CA LEU A 861 -8.19 18.36 20.33
C LEU A 861 -8.97 17.59 21.38
N ASP A 862 -10.28 17.49 21.16
CA ASP A 862 -11.16 16.75 22.04
C ASP A 862 -12.29 16.28 21.15
N LEU A 863 -11.93 15.43 20.19
CA LEU A 863 -12.88 14.93 19.21
C LEU A 863 -13.82 13.88 19.78
N PRO A 864 -14.99 13.70 19.15
CA PRO A 864 -16.01 12.75 19.56
C PRO A 864 -15.47 11.33 19.70
N SER A 865 -15.55 10.79 20.91
CA SER A 865 -15.08 9.44 21.14
C SER A 865 -16.04 8.47 20.46
N GLY A 866 -15.54 7.32 20.04
CA GLY A 866 -16.38 6.34 19.37
C GLY A 866 -16.49 6.57 17.88
N TYR A 867 -15.67 7.48 17.35
CA TYR A 867 -15.66 7.78 15.92
C TYR A 867 -14.25 7.72 15.36
N ASP A 868 -14.14 7.22 14.13
CA ASP A 868 -12.86 7.14 13.43
C ASP A 868 -12.95 8.34 12.49
N ILE A 869 -12.16 9.37 12.76
CA ILE A 869 -12.22 10.60 11.99
C ILE A 869 -10.92 10.97 11.29
N PRO A 870 -10.89 10.94 9.96
CA PRO A 870 -9.69 11.28 9.21
C PRO A 870 -9.41 12.78 9.23
N LEU A 871 -8.19 13.16 9.59
CA LEU A 871 -7.78 14.56 9.64
C LEU A 871 -6.69 14.79 8.59
N TYR A 872 -6.79 15.92 7.90
CA TYR A 872 -5.82 16.28 6.86
C TYR A 872 -5.37 17.73 7.01
N PHE A 873 -4.11 17.99 6.68
CA PHE A 873 -3.59 19.34 6.70
C PHE A 873 -3.57 19.75 5.23
N ASN A 874 -4.35 20.77 4.89
CA ASN A 874 -4.46 21.22 3.50
C ASN A 874 -3.79 22.57 3.23
N PHE A 875 -2.96 22.60 2.19
CA PHE A 875 -2.26 23.81 1.76
C PHE A 875 -2.98 24.37 0.54
N GLY A 876 -3.14 25.69 0.49
CA GLY A 876 -3.80 26.28 -0.66
C GLY A 876 -2.86 26.43 -1.84
N ASN A 877 -3.42 26.47 -3.04
CA ASN A 877 -2.63 26.63 -4.27
C ASN A 877 -3.55 27.08 -5.41
N SER A 878 -4.29 28.16 -5.16
CA SER A 878 -5.22 28.70 -6.15
C SER A 878 -4.58 29.62 -7.17
N THR A 879 -3.36 30.08 -6.90
CA THR A 879 -2.67 30.98 -7.82
C THR A 879 -2.29 30.29 -9.13
N SER A 880 -2.24 31.06 -10.22
CA SER A 880 -1.88 30.53 -11.53
C SER A 880 -0.39 30.22 -11.57
N THR A 881 0.43 31.24 -11.34
CA THR A 881 1.88 31.06 -11.34
C THR A 881 2.26 30.78 -9.88
N PRO A 882 2.74 29.56 -9.59
CA PRO A 882 3.11 29.20 -8.22
C PRO A 882 4.41 29.83 -7.72
N ALA A 883 4.41 30.20 -6.44
CA ALA A 883 5.59 30.77 -5.81
C ALA A 883 6.50 29.58 -5.55
N ALA A 884 7.80 29.80 -5.52
CA ALA A 884 8.74 28.72 -5.29
C ALA A 884 9.13 28.63 -3.82
N TYR A 885 8.56 27.66 -3.12
CA TYR A 885 8.90 27.45 -1.71
C TYR A 885 8.68 26.01 -1.30
N ARG A 886 9.41 25.58 -0.28
CA ARG A 886 9.34 24.22 0.24
C ARG A 886 8.96 24.22 1.71
N VAL A 887 8.09 23.29 2.08
CA VAL A 887 7.64 23.17 3.46
C VAL A 887 7.76 21.73 3.98
N GLN A 888 8.14 21.58 5.23
CA GLN A 888 8.22 20.28 5.87
C GLN A 888 7.19 20.39 6.99
N LEU A 889 6.28 19.43 7.04
CA LEU A 889 5.22 19.41 8.05
C LEU A 889 5.55 18.47 9.20
N TYR A 890 5.59 19.02 10.41
CA TYR A 890 5.87 18.25 11.62
C TYR A 890 4.69 18.37 12.57
N VAL A 891 4.21 17.17 12.94
CA VAL A 891 3.12 16.94 13.91
C VAL A 891 3.68 16.11 15.10
N ASN A 892 3.80 16.70 16.27
CA ASN A 892 4.34 15.99 17.44
C ASN A 892 5.71 15.33 17.19
N GLY A 893 6.54 16.03 16.42
CA GLY A 893 7.88 15.55 16.12
C GLY A 893 8.00 14.67 14.88
N TYR A 894 6.90 14.12 14.41
CA TYR A 894 6.90 13.25 13.23
C TYR A 894 6.71 14.05 11.96
N GLN A 895 7.66 13.93 11.02
CA GLN A 895 7.52 14.67 9.77
C GLN A 895 6.50 13.91 8.94
N TYR A 896 5.39 14.58 8.62
CA TYR A 896 4.33 13.95 7.84
C TYR A 896 4.01 14.68 6.56
N GLY A 897 5.02 15.28 5.95
CA GLY A 897 4.78 15.98 4.71
C GLY A 897 5.89 16.87 4.19
N LYS A 898 6.13 16.76 2.90
CA LYS A 898 7.09 17.61 2.21
C LYS A 898 6.22 18.24 1.14
N TYR A 899 6.09 19.56 1.22
CA TYR A 899 5.27 20.32 0.29
C TYR A 899 6.14 21.22 -0.57
N VAL A 900 6.05 21.08 -1.88
CA VAL A 900 6.82 21.91 -2.80
C VAL A 900 5.79 22.63 -3.65
N ASN A 901 5.53 23.88 -3.30
CA ASN A 901 4.52 24.68 -3.97
C ASN A 901 4.63 24.73 -5.49
N ASN A 902 5.86 24.83 -6.00
CA ASN A 902 6.08 24.93 -7.43
C ASN A 902 6.15 23.62 -8.21
N ILE A 903 6.08 22.48 -7.51
CA ILE A 903 6.17 21.20 -8.20
C ILE A 903 4.93 20.31 -8.03
N GLY A 904 4.42 20.22 -6.80
CA GLY A 904 3.22 19.42 -6.56
C GLY A 904 3.42 17.91 -6.61
N PRO A 905 2.33 17.13 -6.69
CA PRO A 905 0.94 17.60 -6.75
C PRO A 905 0.18 17.60 -5.42
N GLN A 906 0.83 17.17 -4.34
CA GLN A 906 0.14 17.08 -3.06
C GLN A 906 -0.09 18.36 -2.30
N THR A 907 -1.35 18.58 -1.92
CA THR A 907 -1.76 19.76 -1.15
C THR A 907 -2.46 19.33 0.14
N SER A 908 -2.92 18.07 0.16
CA SER A 908 -3.64 17.53 1.31
C SER A 908 -2.84 16.42 1.96
N PHE A 909 -2.46 16.62 3.22
CA PHE A 909 -1.66 15.67 3.97
C PHE A 909 -2.36 15.01 5.15
N PRO A 910 -2.78 13.75 4.99
CA PRO A 910 -3.45 13.07 6.10
C PRO A 910 -2.43 12.70 7.17
N VAL A 911 -2.86 12.76 8.43
CA VAL A 911 -2.01 12.37 9.56
C VAL A 911 -2.94 11.55 10.44
N PRO A 912 -2.55 10.31 10.75
CA PRO A 912 -3.38 9.44 11.57
C PRO A 912 -3.49 9.73 13.05
N GLU A 913 -4.62 9.31 13.63
CA GLU A 913 -4.84 9.44 15.06
C GLU A 913 -3.74 8.51 15.57
N GLY A 914 -3.07 8.90 16.66
CA GLY A 914 -1.98 8.10 17.17
C GLY A 914 -0.74 8.97 17.05
N ILE A 915 -0.67 9.69 15.93
CA ILE A 915 0.41 10.64 15.67
C ILE A 915 -0.21 11.93 16.19
N LEU A 916 -1.46 12.16 15.82
CA LEU A 916 -2.23 13.30 16.30
C LEU A 916 -2.93 12.79 17.56
N ASN A 917 -3.05 13.64 18.57
CA ASN A 917 -3.71 13.26 19.81
C ASN A 917 -5.10 13.87 19.80
N TYR A 918 -6.11 13.02 19.68
CA TYR A 918 -7.50 13.46 19.60
C TYR A 918 -8.12 13.94 20.91
N HIS A 919 -7.41 13.73 22.02
CA HIS A 919 -7.91 14.17 23.32
C HIS A 919 -6.76 14.74 24.15
N GLY A 920 -5.94 15.55 23.50
CA GLY A 920 -4.82 16.14 24.19
C GLY A 920 -4.17 17.25 23.37
N THR A 921 -3.00 17.68 23.81
CA THR A 921 -2.27 18.74 23.14
C THR A 921 -1.47 18.23 21.97
N ASN A 922 -1.40 19.02 20.91
CA ASN A 922 -0.68 18.66 19.71
C ASN A 922 0.30 19.77 19.36
N TRP A 923 1.49 19.39 18.94
CA TRP A 923 2.50 20.38 18.58
C TRP A 923 2.74 20.32 17.08
N LEU A 924 2.45 21.44 16.42
CA LEU A 924 2.60 21.57 14.99
C LEU A 924 3.84 22.41 14.70
N ALA A 925 4.65 21.98 13.74
CA ALA A 925 5.85 22.73 13.38
C ALA A 925 6.02 22.67 11.87
N LEU A 926 6.63 23.71 11.31
CA LEU A 926 6.84 23.78 9.88
C LEU A 926 8.14 24.50 9.55
N SER A 927 8.82 24.03 8.52
CA SER A 927 10.00 24.73 8.05
C SER A 927 9.45 25.34 6.76
N LEU A 928 9.81 26.59 6.48
CA LEU A 928 9.36 27.28 5.28
C LEU A 928 10.61 27.81 4.60
N TRP A 929 10.92 27.24 3.44
CA TRP A 929 12.11 27.59 2.67
C TRP A 929 11.69 28.35 1.41
N ALA A 930 11.93 29.66 1.41
CA ALA A 930 11.58 30.50 0.26
C ALA A 930 12.71 30.45 -0.76
N GLN A 931 12.39 30.03 -1.98
CA GLN A 931 13.40 29.92 -3.04
C GLN A 931 13.20 30.91 -4.17
N GLU A 932 12.66 32.08 -3.84
CA GLU A 932 12.45 33.14 -4.82
C GLU A 932 12.75 34.47 -4.15
N ASP A 933 13.16 35.44 -4.95
CA ASP A 933 13.52 36.75 -4.43
C ASP A 933 12.43 37.47 -3.66
N ASN A 934 11.18 37.18 -3.98
CA ASN A 934 10.03 37.80 -3.33
C ASN A 934 9.71 37.23 -1.95
N GLY A 935 10.37 36.13 -1.59
CA GLY A 935 10.09 35.53 -0.30
C GLY A 935 8.95 34.54 -0.48
N ALA A 936 8.26 34.20 0.60
CA ALA A 936 7.15 33.26 0.52
C ALA A 936 6.33 33.21 1.81
N LYS A 937 5.05 32.88 1.67
CA LYS A 937 4.14 32.77 2.80
C LYS A 937 2.98 31.87 2.42
N LEU A 938 2.30 31.34 3.43
CA LEU A 938 1.16 30.48 3.17
C LEU A 938 -0.06 31.39 3.07
N ASP A 939 -0.90 31.16 2.07
CA ASP A 939 -2.10 31.96 1.90
C ASP A 939 -3.24 31.24 2.61
N SER A 940 -3.25 29.93 2.49
CA SER A 940 -4.27 29.09 3.12
C SER A 940 -3.62 27.82 3.65
N PHE A 941 -3.88 27.51 4.91
CA PHE A 941 -3.33 26.31 5.56
C PHE A 941 -4.32 25.94 6.65
N GLU A 942 -5.01 24.82 6.46
CA GLU A 942 -6.02 24.40 7.40
C GLU A 942 -5.96 22.92 7.79
N LEU A 943 -6.60 22.62 8.92
CA LEU A 943 -6.71 21.26 9.41
C LEU A 943 -8.18 20.94 9.21
N ILE A 944 -8.48 19.94 8.38
CA ILE A 944 -9.87 19.59 8.12
C ILE A 944 -10.12 18.10 8.33
N ASN A 945 -11.39 17.73 8.44
CA ASN A 945 -11.73 16.34 8.62
C ASN A 945 -12.70 15.88 7.55
N THR A 946 -12.78 14.58 7.34
CA THR A 946 -13.72 14.02 6.39
C THR A 946 -14.74 13.27 7.26
N THR A 947 -15.72 12.64 6.63
CA THR A 947 -16.78 11.91 7.34
C THR A 947 -16.42 11.14 8.61
N PRO A 948 -16.99 11.54 9.76
CA PRO A 948 -16.70 10.83 11.01
C PRO A 948 -17.39 9.47 10.93
N VAL A 949 -16.63 8.40 11.12
CA VAL A 949 -17.20 7.06 11.05
C VAL A 949 -17.52 6.50 12.43
N LEU A 950 -18.80 6.19 12.67
CA LEU A 950 -19.21 5.61 13.95
C LEU A 950 -18.51 4.26 13.94
N THR A 951 -17.58 4.06 14.87
CA THR A 951 -16.76 2.85 14.86
C THR A 951 -16.74 1.95 16.09
N SER A 952 -16.37 0.69 15.86
CA SER A 952 -16.25 -0.28 16.94
C SER A 952 -14.76 -0.46 17.20
N LEU A 953 -13.95 0.26 16.42
CA LEU A 953 -12.51 0.21 16.56
C LEU A 953 -12.15 0.66 17.97
N GLY A 954 -11.22 -0.04 18.61
CA GLY A 954 -10.83 0.33 19.96
C GLY A 954 -10.12 1.67 19.99
N GLU A 955 -10.00 2.26 21.18
CA GLU A 955 -9.34 3.55 21.31
C GLU A 955 -7.89 3.48 20.82
N VAL A 956 -7.51 4.42 19.97
CA VAL A 956 -6.16 4.47 19.43
C VAL A 956 -5.19 5.02 20.47
N LYS A 957 -4.11 4.29 20.73
CA LYS A 957 -3.12 4.74 21.69
C LYS A 957 -2.10 5.62 21.00
N SER A 958 -1.82 6.79 21.58
CA SER A 958 -0.85 7.70 21.01
C SER A 958 0.53 7.07 21.08
N VAL A 959 1.29 7.18 20.00
CA VAL A 959 2.62 6.62 19.98
C VAL A 959 3.54 7.52 20.79
N ASN A 960 4.74 7.00 21.10
CA ASN A 960 5.73 7.74 21.85
C ASN A 960 6.06 9.02 21.08
N GLN A 961 5.96 10.16 21.77
CA GLN A 961 6.23 11.46 21.16
C GLN A 961 7.25 12.25 22.01
N PRO A 962 8.53 11.85 21.96
CA PRO A 962 9.60 12.50 22.73
C PRO A 962 9.56 14.03 22.63
N LYS A 963 9.56 14.70 23.77
CA LYS A 963 9.53 16.15 23.78
C LYS A 963 10.92 16.71 23.55
N TYR A 964 10.98 17.98 23.14
CA TYR A 964 12.25 18.63 22.89
C TYR A 964 13.11 18.61 24.14
N GLN A 965 14.41 18.37 23.95
CA GLN A 965 15.38 18.37 25.03
C GLN A 965 16.66 18.96 24.43
N ALA A 966 17.29 19.89 25.14
CA ALA A 966 18.52 20.50 24.64
C ALA A 966 19.49 19.38 24.31
N ARG A 967 20.01 19.39 23.08
CA ARG A 967 20.93 18.35 22.62
C ARG A 967 22.40 18.73 22.77
N LYS A 968 23.20 17.79 23.28
CA LYS A 968 24.62 18.04 23.45
C LYS A 968 25.30 18.02 22.09
N GLY A 969 26.23 18.94 21.88
CA GLY A 969 26.95 18.99 20.62
C GLY A 969 26.12 19.51 19.45
N ALA A 970 24.97 20.08 19.74
CA ALA A 970 24.12 20.61 18.68
C ALA A 970 24.75 21.89 18.11
N TYR A 971 24.36 22.23 16.89
CA TYR A 971 24.86 23.43 16.23
C TYR A 971 23.87 23.82 15.14
C1 NAG B . -10.94 8.76 1.78
C2 NAG B . -11.62 10.14 1.89
C3 NAG B . -11.39 10.94 0.61
C4 NAG B . -9.89 10.96 0.20
C5 NAG B . -9.24 9.57 0.30
C6 NAG B . -7.73 9.65 0.17
C7 NAG B . -13.54 10.01 3.35
C8 NAG B . -15.05 9.99 3.47
N2 NAG B . -13.04 9.97 2.11
O3 NAG B . -11.85 12.27 0.80
O4 NAG B . -9.79 11.38 -1.17
O5 NAG B . -9.53 8.95 1.57
O6 NAG B . -7.16 10.37 1.26
O7 NAG B . -12.83 10.05 4.35
C1 NAG B . -9.57 12.72 -1.44
C2 NAG B . -8.96 12.84 -2.85
C3 NAG B . -8.96 14.29 -3.35
C4 NAG B . -10.32 14.96 -3.14
C5 NAG B . -10.76 14.79 -1.69
C6 NAG B . -12.12 15.39 -1.40
C7 NAG B . -7.28 11.12 -3.18
C8 NAG B . -5.84 10.69 -2.96
N2 NAG B . -7.60 12.36 -2.81
O3 NAG B . -8.63 14.31 -4.74
O4 NAG B . -10.17 16.36 -3.44
O5 NAG B . -10.85 13.37 -1.38
O6 NAG B . -13.12 14.82 -2.23
O7 NAG B . -8.10 10.34 -3.68
C1 BMA B . -11.18 16.95 -4.19
C2 BMA B . -11.18 18.46 -3.92
C3 BMA B . -12.21 19.15 -4.81
C4 BMA B . -11.97 18.80 -6.27
C5 BMA B . -11.89 17.28 -6.45
C6 BMA B . -11.49 16.90 -7.87
O2 BMA B . -9.89 18.99 -4.19
O3 BMA B . -12.12 20.55 -4.64
O4 BMA B . -13.03 19.31 -7.06
O5 BMA B . -10.89 16.71 -5.57
O6 BMA B . -10.29 17.57 -8.25
C1 NAG C . -20.40 5.86 3.25
C2 NAG C . -20.18 7.01 2.25
C3 NAG C . -20.70 6.57 0.88
C4 NAG C . -20.04 5.26 0.45
C5 NAG C . -20.16 4.19 1.55
C6 NAG C . -19.35 2.95 1.26
C7 NAG C . -20.23 9.30 3.04
C8 NAG C . -21.05 10.48 3.52
N2 NAG C . -20.90 8.19 2.70
O3 NAG C . -20.42 7.59 -0.08
O4 NAG C . -20.67 4.76 -0.74
O5 NAG C . -19.68 4.70 2.82
O6 NAG C . -19.68 1.89 2.14
O7 NAG C . -19.00 9.40 2.97
C1 NAG C . -19.87 4.63 -1.86
C2 NAG C . -20.57 3.73 -2.88
C3 NAG C . -19.85 3.75 -4.24
C4 NAG C . -19.63 5.19 -4.69
C5 NAG C . -18.88 5.95 -3.60
C6 NAG C . -18.59 7.40 -3.95
C7 NAG C . -21.59 1.92 -1.65
C8 NAG C . -21.45 0.52 -1.05
N2 NAG C . -20.57 2.37 -2.38
O3 NAG C . -20.63 3.07 -5.20
O4 NAG C . -18.86 5.20 -5.91
O5 NAG C . -19.68 5.96 -2.40
O6 NAG C . -17.66 7.96 -3.04
O7 NAG C . -22.61 2.57 -1.44
C1 BMA C . -19.32 6.03 -6.91
C2 BMA C . -18.31 6.09 -8.04
C3 BMA C . -18.86 6.95 -9.18
C4 BMA C . -20.23 6.42 -9.63
C5 BMA C . -21.16 6.35 -8.40
C6 BMA C . -22.55 5.81 -8.68
O2 BMA C . -18.04 4.77 -8.50
O3 BMA C . -17.94 6.97 -10.29
O4 BMA C . -20.78 7.30 -10.60
O5 BMA C . -20.57 5.51 -7.39
O6 BMA C . -22.49 4.72 -9.62
C1 MAN C . -22.58 3.47 -8.99
C2 MAN C . -22.18 2.38 -9.99
C3 MAN C . -23.24 2.30 -11.09
C4 MAN C . -24.63 2.08 -10.49
C5 MAN C . -24.94 3.14 -9.44
C6 MAN C . -26.22 2.78 -8.70
O2 MAN C . -22.09 1.13 -9.32
O3 MAN C . -22.93 1.22 -11.98
O4 MAN C . -25.60 2.13 -11.52
O5 MAN C . -23.88 3.21 -8.46
O6 MAN C . -26.50 3.77 -7.69
C1 MAN C . -22.97 1.55 -13.34
C2 MAN C . -22.87 0.28 -14.18
C3 MAN C . -21.48 -0.34 -14.00
C4 MAN C . -20.39 0.68 -14.32
C5 MAN C . -20.60 1.96 -13.50
C6 MAN C . -19.64 3.08 -13.88
O2 MAN C . -23.09 0.59 -15.56
O3 MAN C . -21.35 -1.47 -14.87
O4 MAN C . -19.12 0.13 -14.01
O5 MAN C . -21.94 2.46 -13.70
O6 MAN C . -19.88 4.24 -13.11
C1 MAN C . -24.09 -0.15 -16.19
C2 MAN C . -24.06 0.12 -17.71
C3 MAN C . -24.53 1.54 -18.00
C4 MAN C . -25.91 1.77 -17.38
C5 MAN C . -25.86 1.46 -15.88
C6 MAN C . -27.24 1.56 -15.23
O2 MAN C . -24.89 -0.82 -18.37
O3 MAN C . -24.61 1.72 -19.41
O4 MAN C . -26.32 3.12 -17.58
O5 MAN C . -25.39 0.12 -15.66
O6 MAN C . -28.15 0.66 -15.85
C1 MAN C . -26.88 3.18 -6.47
C2 MAN C . -27.70 4.18 -5.66
C3 MAN C . -26.80 5.37 -5.30
C4 MAN C . -25.54 4.88 -4.55
C5 MAN C . -24.83 3.77 -5.33
C6 MAN C . -23.75 3.11 -4.48
O2 MAN C . -28.17 3.55 -4.44
O3 MAN C . -27.52 6.29 -4.49
O4 MAN C . -24.64 5.97 -4.36
O5 MAN C . -25.77 2.72 -5.71
O6 MAN C . -23.29 1.89 -5.05
C1 MAN C . -29.50 3.12 -4.45
C2 MAN C . -30.04 3.12 -3.01
C3 MAN C . -29.32 2.04 -2.19
C4 MAN C . -29.43 0.67 -2.88
C5 MAN C . -28.96 0.75 -4.34
C6 MAN C . -29.26 -0.54 -5.08
O2 MAN C . -31.43 2.86 -3.03
O3 MAN C . -29.89 1.97 -0.90
O4 MAN C . -28.63 -0.27 -2.18
O5 MAN C . -29.66 1.83 -5.03
O6 MAN C . -29.00 -0.41 -6.47
C1 BMA C . -17.22 8.17 -10.41
C2 BMA C . -15.70 7.91 -10.41
C3 BMA C . -15.18 7.69 -11.84
C4 BMA C . -16.31 7.23 -12.77
C5 BMA C . -17.40 8.32 -12.84
C6 BMA C . -18.73 7.76 -13.30
O2 BMA C . -15.39 6.77 -9.63
O3 BMA C . -14.14 6.73 -11.83
O4 BMA C . -15.81 6.98 -14.07
O5 BMA C . -17.61 8.94 -11.54
O6 BMA C . -19.15 8.37 -14.51
C1 NAG D . 32.39 36.00 6.02
C2 NAG D . 33.15 37.20 6.62
C3 NAG D . 34.32 36.73 7.49
C4 NAG D . 33.85 35.70 8.52
C5 NAG D . 33.14 34.56 7.78
C6 NAG D . 32.60 33.49 8.73
C7 NAG D . 33.27 39.31 5.46
C8 NAG D . 34.20 40.26 4.71
N2 NAG D . 33.65 38.04 5.55
O3 NAG D . 34.88 37.84 8.17
O4 NAG D . 34.99 35.20 9.25
O5 NAG D . 32.01 35.07 7.05
O6 NAG D . 32.77 32.19 8.18
O7 NAG D . 32.22 39.74 5.96
C1 NAG D . 34.82 35.09 10.63
C2 NAG D . 36.10 34.51 11.26
C3 NAG D . 35.95 34.48 12.79
C4 NAG D . 35.58 35.87 13.31
C5 NAG D . 34.33 36.38 12.58
C6 NAG D . 33.94 37.79 13.00
C7 NAG D . 37.09 33.00 9.66
C8 NAG D . 37.02 31.64 8.99
N2 NAG D . 36.35 33.18 10.76
O3 NAG D . 37.17 34.07 13.38
O4 NAG D . 35.32 35.80 14.71
O5 NAG D . 34.57 36.40 11.16
O6 NAG D . 34.96 38.72 12.67
O7 NAG D . 37.79 33.90 9.19
C1 NAG E . 25.38 18.79 -15.77
C2 NAG E . 24.30 17.96 -16.46
C3 NAG E . 24.75 16.49 -16.55
C4 NAG E . 26.14 16.40 -17.18
C5 NAG E . 27.13 17.34 -16.50
C6 NAG E . 28.47 17.38 -17.23
C7 NAG E . 21.93 18.37 -16.33
C8 NAG E . 20.66 18.36 -15.50
N2 NAG E . 23.06 18.04 -15.71
O3 NAG E . 23.82 15.76 -17.33
O4 NAG E . 26.62 15.04 -17.09
O5 NAG E . 26.61 18.69 -16.48
O6 NAG E . 29.31 18.39 -16.71
O7 NAG E . 21.87 18.66 -17.52
C1 NAG E . 27.19 14.52 -18.25
C2 NAG E . 27.88 13.20 -17.95
C3 NAG E . 28.45 12.63 -19.26
C4 NAG E . 27.37 12.56 -20.36
C5 NAG E . 26.65 13.91 -20.48
C6 NAG E . 25.46 13.84 -21.43
C7 NAG E . 28.90 12.76 -15.82
C8 NAG E . 30.11 12.92 -14.90
N2 NAG E . 28.94 13.40 -16.98
O3 NAG E . 28.96 11.32 -19.01
O4 NAG E . 27.99 12.23 -21.61
O5 NAG E . 26.14 14.33 -19.21
O6 NAG E . 24.55 12.85 -21.01
O7 NAG E . 27.94 12.07 -15.45
C1 BMA E . 27.94 10.89 -22.00
C2 BMA E . 27.78 10.82 -23.52
C3 BMA E . 27.84 9.36 -23.98
C4 BMA E . 29.11 8.69 -23.44
C5 BMA E . 29.22 8.87 -21.93
C6 BMA E . 30.53 8.35 -21.38
O2 BMA E . 28.83 11.56 -24.14
O3 BMA E . 27.82 9.29 -25.40
O4 BMA E . 29.07 7.29 -23.74
O5 BMA E . 29.16 10.28 -21.58
O6 BMA E . 30.49 8.37 -19.94
C1 MAN E . 31.75 8.11 -19.38
C2 MAN E . 31.58 7.93 -17.86
C3 MAN E . 31.15 9.26 -17.23
C4 MAN E . 32.17 10.34 -17.57
C5 MAN E . 32.35 10.44 -19.09
C6 MAN E . 33.47 11.40 -19.47
O2 MAN E . 32.81 7.51 -17.29
O3 MAN E . 31.05 9.13 -15.80
O4 MAN E . 31.73 11.59 -17.06
O5 MAN E . 32.69 9.14 -19.63
O6 MAN E . 34.52 11.36 -18.52
C1 MAN E . 29.95 8.41 -15.31
C2 MAN E . 29.56 9.00 -13.96
C3 MAN E . 30.71 8.80 -12.97
C4 MAN E . 31.09 7.31 -12.89
C5 MAN E . 31.33 6.71 -14.29
C6 MAN E . 31.46 5.20 -14.27
O2 MAN E . 28.40 8.32 -13.47
O3 MAN E . 30.34 9.27 -11.69
O4 MAN E . 32.27 7.17 -12.11
O5 MAN E . 30.22 7.02 -15.18
O6 MAN E . 30.35 4.59 -13.64
C1 NAG F . 0.21 24.53 -7.64
C2 NAG F . 0.92 23.17 -7.79
C3 NAG F . 2.00 23.29 -8.86
C4 NAG F . 1.43 23.85 -10.17
C5 NAG F . 0.64 25.13 -9.92
C6 NAG F . -0.09 25.61 -11.16
C7 NAG F . 0.96 21.86 -5.78
C8 NAG F . 1.49 21.70 -4.36
N2 NAG F . 1.52 22.79 -6.52
O3 NAG F . 2.59 22.01 -9.10
O4 NAG F . 2.52 24.16 -11.06
O5 NAG F . -0.37 24.92 -8.90
O6 NAG F . -0.71 26.86 -10.93
O7 NAG F . 0.04 21.14 -6.17
C1 NAG F . 2.68 23.36 -12.17
C2 NAG F . 3.52 24.13 -13.21
C3 NAG F . 3.92 23.22 -14.37
C4 NAG F . 4.50 21.90 -13.89
C5 NAG F . 3.56 21.25 -12.85
C6 NAG F . 4.06 19.93 -12.27
C7 NAG F . 3.14 26.48 -13.59
C8 NAG F . 2.31 27.56 -14.27
N2 NAG F . 2.73 25.23 -13.72
O3 NAG F . 4.88 23.89 -15.17
O4 NAG F . 4.63 21.02 -15.01
O5 NAG F . 3.36 22.16 -11.75
O6 NAG F . 5.30 20.10 -11.58
O7 NAG F . 4.15 26.80 -12.97
C1 BMA F . 5.84 20.36 -15.16
C2 BMA F . 5.77 19.48 -16.40
C3 BMA F . 7.14 18.85 -16.67
C4 BMA F . 8.21 19.91 -16.74
C5 BMA F . 8.18 20.76 -15.46
C6 BMA F . 9.19 21.89 -15.44
O2 BMA F . 5.37 20.27 -17.52
O3 BMA F . 7.10 18.11 -17.90
O4 BMA F . 9.49 19.30 -16.89
O5 BMA F . 6.87 21.35 -15.31
O6 BMA F . 9.14 22.59 -16.69
C1 MAN F . 10.17 23.54 -16.83
C2 MAN F . 10.12 24.15 -18.23
C3 MAN F . 10.44 23.07 -19.26
C4 MAN F . 11.77 22.38 -18.94
C5 MAN F . 11.80 21.89 -17.49
C6 MAN F . 13.18 21.43 -17.08
O2 MAN F . 11.06 25.21 -18.32
O3 MAN F . 10.53 23.65 -20.57
O4 MAN F . 11.96 21.28 -19.83
O5 MAN F . 11.45 22.97 -16.60
O6 MAN F . 14.13 22.48 -17.37
C1 MAN F . 9.34 23.62 -21.33
C2 MAN F . 9.70 23.72 -22.81
C3 MAN F . 10.32 25.10 -23.09
C4 MAN F . 9.36 26.21 -22.63
C5 MAN F . 9.01 26.01 -21.16
C6 MAN F . 7.97 26.99 -20.67
O2 MAN F . 8.52 23.56 -23.60
O3 MAN F . 10.57 25.24 -24.49
O4 MAN F . 9.97 27.48 -22.80
O5 MAN F . 8.46 24.68 -20.96
O6 MAN F . 6.86 27.03 -21.55
C1 MAN F . 15.40 22.26 -16.87
C2 MAN F . 16.33 23.36 -17.38
C3 MAN F . 16.50 23.23 -18.90
C4 MAN F . 16.99 21.82 -19.26
C5 MAN F . 16.05 20.77 -18.66
C6 MAN F . 16.53 19.35 -18.88
O2 MAN F . 17.59 23.27 -16.74
O3 MAN F . 17.42 24.19 -19.37
O4 MAN F . 17.03 21.67 -20.67
O5 MAN F . 15.92 20.98 -17.24
O6 MAN F . 17.62 19.05 -18.03
C1 MAN F . 7.27 16.73 -17.76
C2 MAN F . 7.59 16.11 -19.12
C3 MAN F . 6.38 16.24 -20.05
C4 MAN F . 5.14 15.62 -19.41
C5 MAN F . 4.91 16.24 -18.02
C6 MAN F . 3.78 15.60 -17.26
O2 MAN F . 7.94 14.75 -18.96
O3 MAN F . 6.65 15.58 -21.28
O4 MAN F . 4.01 15.84 -20.23
O5 MAN F . 6.10 16.11 -17.21
O6 MAN F . 3.37 16.41 -16.16
C1 NAG G . -20.17 -30.58 -26.08
C2 NAG G . -19.92 -31.16 -27.47
C3 NAG G . -18.42 -31.40 -27.71
C4 NAG G . -17.61 -30.16 -27.36
C5 NAG G . -17.95 -29.71 -25.94
C6 NAG G . -17.19 -28.47 -25.49
C7 NAG G . -20.39 -33.43 -26.79
C8 NAG G . -19.43 -34.51 -27.30
N2 NAG G . -20.65 -32.41 -27.61
O3 NAG G . -18.21 -31.74 -29.08
O4 NAG G . -16.22 -30.46 -27.43
O5 NAG G . -19.36 -29.41 -25.87
O6 NAG G . -17.91 -27.28 -25.79
O7 NAG G . -20.87 -33.52 -25.66
C1 NAG H . 36.41 3.99 2.35
C2 NAG H . 36.51 2.59 2.98
C3 NAG H . 37.70 2.54 3.94
C4 NAG H . 38.98 2.97 3.22
C5 NAG H . 38.77 4.35 2.58
C6 NAG H . 39.98 4.80 1.77
C7 NAG H . 34.55 1.24 3.26
C8 NAG H . 33.18 1.07 3.89
N2 NAG H . 35.29 2.26 3.67
O3 NAG H . 37.85 1.23 4.44
O4 NAG H . 40.06 3.02 4.14
O5 NAG H . 37.64 4.32 1.68
O6 NAG H . 40.11 4.03 0.58
O7 NAG H . 34.92 0.45 2.38
NA NA I . -2.76 26.42 -9.09
NA NA J . -23.11 -23.46 9.50
NA NA K . -2.29 19.98 -6.85
P PO4 L . 13.98 6.56 -8.29
O1 PO4 L . 15.06 6.28 -9.27
O2 PO4 L . 13.97 5.52 -7.23
O3 PO4 L . 14.21 7.90 -7.66
O4 PO4 L . 12.67 6.56 -8.98
P PO4 M . 19.95 26.91 -13.59
O1 PO4 M . 21.26 27.19 -14.22
O2 PO4 M . 19.34 25.71 -14.21
O3 PO4 M . 20.14 26.67 -12.13
O4 PO4 M . 19.05 28.08 -13.77
P PO4 N . 36.24 13.50 8.75
O1 PO4 N . 35.70 13.74 10.10
O2 PO4 N . 37.52 14.22 8.59
O3 PO4 N . 36.46 12.04 8.55
O4 PO4 N . 35.27 13.97 7.73
P PO4 O . -10.00 27.82 8.88
O1 PO4 O . -8.76 28.59 9.09
O2 PO4 O . -9.68 26.37 8.84
O3 PO4 O . -10.95 28.09 10.00
O4 PO4 O . -10.63 28.22 7.60
C1 EDO P . -11.23 -21.16 -0.21
O1 EDO P . -9.99 -21.63 0.34
C2 EDO P . -11.92 -22.27 -0.91
O2 EDO P . -11.18 -22.85 -2.03
C1 EDO Q . 7.35 14.20 -14.59
O1 EDO Q . 8.13 13.21 -15.28
C2 EDO Q . 6.31 13.50 -13.77
O2 EDO Q . 5.37 12.67 -14.54
C1 EDO R . -25.90 1.37 3.34
O1 EDO R . -26.52 1.70 2.08
C2 EDO R . -26.82 1.69 4.45
O2 EDO R . -27.25 3.08 4.54
C1 EDO S . -8.91 15.16 1.88
O1 EDO S . -7.94 15.21 0.81
C2 EDO S . -9.90 16.25 1.72
O2 EDO S . -9.35 17.61 1.69
C1 EDO T . -3.25 -24.93 -13.29
O1 EDO T . -2.26 -23.98 -12.84
C2 EDO T . -2.84 -26.32 -12.93
O2 EDO T . -1.57 -26.79 -13.52
C1 EDO U . 30.05 39.74 -0.63
O1 EDO U . 28.77 40.40 -0.50
C2 EDO U . 30.14 38.63 0.35
O2 EDO U . 30.01 39.01 1.75
C1 EDO V . -4.34 -18.97 -25.09
O1 EDO V . -3.72 -20.19 -24.64
C2 EDO V . -4.98 -18.28 -23.94
O2 EDO V . -6.04 -19.03 -23.25
C1 EDO W . 6.06 -1.45 -8.52
O1 EDO W . 7.27 -1.05 -7.84
C2 EDO W . 4.90 -1.32 -7.59
O2 EDO W . 4.63 0.03 -7.10
C1 EDO X . 7.98 -4.31 -7.00
O1 EDO X . 8.40 -5.58 -6.50
C2 EDO X . 8.60 -3.23 -6.17
O2 EDO X . 8.25 -3.22 -4.76
#